data_7DU6
# 
_entry.id   7DU6 
# 
_audit_conform.dict_name       mmcif_pdbx.dic 
_audit_conform.dict_version    5.380 
_audit_conform.dict_location   http://mmcif.pdb.org/dictionaries/ascii/mmcif_pdbx.dic 
# 
loop_
_database_2.database_id 
_database_2.database_code 
_database_2.pdbx_database_accession 
_database_2.pdbx_DOI 
PDB   7DU6         pdb_00007du6 10.2210/pdb7du6/pdb 
WWPDB D_1300020105 ?            ?                   
# 
_pdbx_database_status.status_code                     REL 
_pdbx_database_status.status_code_sf                  REL 
_pdbx_database_status.status_code_mr                  ? 
_pdbx_database_status.entry_id                        7DU6 
_pdbx_database_status.recvd_initial_deposition_date   2021-01-08 
_pdbx_database_status.SG_entry                        N 
_pdbx_database_status.deposit_site                    PDBJ 
_pdbx_database_status.process_site                    PDBJ 
_pdbx_database_status.status_code_cs                  ? 
_pdbx_database_status.status_code_nmr_data            ? 
_pdbx_database_status.methods_development_category    ? 
_pdbx_database_status.pdb_format_compatible           Y 
# 
loop_
_audit_author.name 
_audit_author.pdbx_ordinal 
_audit_author.identifier_ORCID 
'Yagi, S.'   1 ? 
'Tagami, S.' 2 ? 
# 
_citation.abstract                  ? 
_citation.abstract_id_CAS           ? 
_citation.book_id_ISBN              ? 
_citation.book_publisher            ? 
_citation.book_publisher_city       ? 
_citation.book_title                ? 
_citation.coordinate_linkage        ? 
_citation.country                   US 
_citation.database_id_Medline       ? 
_citation.details                   ? 
_citation.id                        primary 
_citation.journal_abbrev            J.Am.Chem.Soc. 
_citation.journal_id_ASTM           JACSAT 
_citation.journal_id_CSD            ? 
_citation.journal_id_ISSN           1520-5126 
_citation.journal_full              ? 
_citation.journal_issue             ? 
_citation.journal_volume            143 
_citation.language                  ? 
_citation.page_first                15998 
_citation.page_last                 16006 
_citation.title                     'Seven Amino Acid Types Suffice to Create the Core Fold of RNA Polymerase.' 
_citation.year                      2021 
_citation.database_id_CSD           ? 
_citation.pdbx_database_id_DOI      10.1021/jacs.1c05367 
_citation.pdbx_database_id_PubMed   34559526 
_citation.unpublished_flag          ? 
# 
loop_
_citation_author.citation_id 
_citation_author.name 
_citation_author.ordinal 
_citation_author.identifier_ORCID 
primary 'Yagi, S.'      1 ?                   
primary 'Padhi, A.K.'   2 ?                   
primary 'Vucinic, J.'   3 ?                   
primary 'Barbe, S.'     4 ?                   
primary 'Schiex, T.'    5 ?                   
primary 'Nakagawa, R.'  6 0000-0002-6178-2945 
primary 'Simoncini, D.' 7 ?                   
primary 'Zhang, K.Y.J.' 8 0000-0002-9282-8045 
primary 'Tagami, S.'    9 0000-0002-1720-3627 
# 
_cell.angle_alpha                  90.000 
_cell.angle_alpha_esd              ? 
_cell.angle_beta                   90.000 
_cell.angle_beta_esd               ? 
_cell.angle_gamma                  120.000 
_cell.angle_gamma_esd              ? 
_cell.entry_id                     7DU6 
_cell.details                      ? 
_cell.formula_units_Z              ? 
_cell.length_a                     70.891 
_cell.length_a_esd                 ? 
_cell.length_b                     70.891 
_cell.length_b_esd                 ? 
_cell.length_c                     64.045 
_cell.length_c_esd                 ? 
_cell.volume                       ? 
_cell.volume_esd                   ? 
_cell.Z_PDB                        9 
_cell.reciprocal_angle_alpha       ? 
_cell.reciprocal_angle_beta        ? 
_cell.reciprocal_angle_gamma       ? 
_cell.reciprocal_angle_alpha_esd   ? 
_cell.reciprocal_angle_beta_esd    ? 
_cell.reciprocal_angle_gamma_esd   ? 
_cell.reciprocal_length_a          ? 
_cell.reciprocal_length_b          ? 
_cell.reciprocal_length_c          ? 
_cell.reciprocal_length_a_esd      ? 
_cell.reciprocal_length_b_esd      ? 
_cell.reciprocal_length_c_esd      ? 
_cell.pdbx_unique_axis             ? 
# 
_symmetry.entry_id                         7DU6 
_symmetry.cell_setting                     ? 
_symmetry.Int_Tables_number                146 
_symmetry.space_group_name_Hall            ? 
_symmetry.space_group_name_H-M             'H 3' 
_symmetry.pdbx_full_space_group_name_H-M   ? 
# 
loop_
_entity.id 
_entity.type 
_entity.src_method 
_entity.pdbx_description 
_entity.formula_weight 
_entity.pdbx_number_of_molecules 
_entity.pdbx_ec 
_entity.pdbx_mutation 
_entity.pdbx_fragment 
_entity.details 
1 polymer man 'mkDPBB_sym2 protein' 10118.846 1  ? ? ? ? 
2 water   nat water                 18.015    85 ? ? ? ? 
# 
_entity_poly.entity_id                      1 
_entity_poly.type                           'polypeptide(L)' 
_entity_poly.nstd_linkage                   no 
_entity_poly.nstd_monomer                   no 
_entity_poly.pdbx_seq_one_letter_code       
;GPMPGKSVVARVAEAYPEDVGKRIVRMDKYERAKLGVSVGDYVEVKKVKSVVARVAEAYPEDVGKRIVRMDKYERAKLGV
SVGDYVEVKKV
;
_entity_poly.pdbx_seq_one_letter_code_can   
;GPMPGKSVVARVAEAYPEDVGKRIVRMDKYERAKLGVSVGDYVEVKKVKSVVARVAEAYPEDVGKRIVRMDKYERAKLGV
SVGDYVEVKKV
;
_entity_poly.pdbx_strand_id                 A 
_entity_poly.pdbx_target_identifier         ? 
# 
loop_
_entity_poly_seq.entity_id 
_entity_poly_seq.num 
_entity_poly_seq.mon_id 
_entity_poly_seq.hetero 
1 1  GLY n 
1 2  PRO n 
1 3  MET n 
1 4  PRO n 
1 5  GLY n 
1 6  LYS n 
1 7  SER n 
1 8  VAL n 
1 9  VAL n 
1 10 ALA n 
1 11 ARG n 
1 12 VAL n 
1 13 ALA n 
1 14 GLU n 
1 15 ALA n 
1 16 TYR n 
1 17 PRO n 
1 18 GLU n 
1 19 ASP n 
1 20 VAL n 
1 21 GLY n 
1 22 LYS n 
1 23 ARG n 
1 24 ILE n 
1 25 VAL n 
1 26 ARG n 
1 27 MET n 
1 28 ASP n 
1 29 LYS n 
1 30 TYR n 
1 31 GLU n 
1 32 ARG n 
1 33 ALA n 
1 34 LYS n 
1 35 LEU n 
1 36 GLY n 
1 37 VAL n 
1 38 SER n 
1 39 VAL n 
1 40 GLY n 
1 41 ASP n 
1 42 TYR n 
1 43 VAL n 
1 44 GLU n 
1 45 VAL n 
1 46 LYS n 
1 47 LYS n 
1 48 VAL n 
1 49 LYS n 
1 50 SER n 
1 51 VAL n 
1 52 VAL n 
1 53 ALA n 
1 54 ARG n 
1 55 VAL n 
1 56 ALA n 
1 57 GLU n 
1 58 ALA n 
1 59 TYR n 
1 60 PRO n 
1 61 GLU n 
1 62 ASP n 
1 63 VAL n 
1 64 GLY n 
1 65 LYS n 
1 66 ARG n 
1 67 ILE n 
1 68 VAL n 
1 69 ARG n 
1 70 MET n 
1 71 ASP n 
1 72 LYS n 
1 73 TYR n 
1 74 GLU n 
1 75 ARG n 
1 76 ALA n 
1 77 LYS n 
1 78 LEU n 
1 79 GLY n 
1 80 VAL n 
1 81 SER n 
1 82 VAL n 
1 83 GLY n 
1 84 ASP n 
1 85 TYR n 
1 86 VAL n 
1 87 GLU n 
1 88 VAL n 
1 89 LYS n 
1 90 LYS n 
1 91 VAL n 
# 
_entity_src_gen.entity_id                          1 
_entity_src_gen.pdbx_src_id                        1 
_entity_src_gen.pdbx_alt_source_flag               sample 
_entity_src_gen.pdbx_seq_type                      'Biological sequence' 
_entity_src_gen.pdbx_beg_seq_num                   1 
_entity_src_gen.pdbx_end_seq_num                   91 
_entity_src_gen.gene_src_common_name               ? 
_entity_src_gen.gene_src_genus                     ? 
_entity_src_gen.pdbx_gene_src_gene                 ? 
_entity_src_gen.gene_src_species                   ? 
_entity_src_gen.gene_src_strain                    ? 
_entity_src_gen.gene_src_tissue                    ? 
_entity_src_gen.gene_src_tissue_fraction           ? 
_entity_src_gen.gene_src_details                   ? 
_entity_src_gen.pdbx_gene_src_fragment             ? 
_entity_src_gen.pdbx_gene_src_scientific_name      'synthetic construct' 
_entity_src_gen.pdbx_gene_src_ncbi_taxonomy_id     32630 
_entity_src_gen.pdbx_gene_src_variant              ? 
_entity_src_gen.pdbx_gene_src_cell_line            ? 
_entity_src_gen.pdbx_gene_src_atcc                 ? 
_entity_src_gen.pdbx_gene_src_organ                ? 
_entity_src_gen.pdbx_gene_src_organelle            ? 
_entity_src_gen.pdbx_gene_src_cell                 ? 
_entity_src_gen.pdbx_gene_src_cellular_location    ? 
_entity_src_gen.host_org_common_name               ? 
_entity_src_gen.pdbx_host_org_scientific_name      'Escherichia coli BL21(DE3)' 
_entity_src_gen.pdbx_host_org_ncbi_taxonomy_id     469008 
_entity_src_gen.host_org_genus                     ? 
_entity_src_gen.pdbx_host_org_gene                 ? 
_entity_src_gen.pdbx_host_org_organ                ? 
_entity_src_gen.host_org_species                   ? 
_entity_src_gen.pdbx_host_org_tissue               ? 
_entity_src_gen.pdbx_host_org_tissue_fraction      ? 
_entity_src_gen.pdbx_host_org_strain               ? 
_entity_src_gen.pdbx_host_org_variant              ? 
_entity_src_gen.pdbx_host_org_cell_line            ? 
_entity_src_gen.pdbx_host_org_atcc                 ? 
_entity_src_gen.pdbx_host_org_culture_collection   ? 
_entity_src_gen.pdbx_host_org_cell                 ? 
_entity_src_gen.pdbx_host_org_organelle            ? 
_entity_src_gen.pdbx_host_org_cellular_location    ? 
_entity_src_gen.pdbx_host_org_vector_type          ? 
_entity_src_gen.pdbx_host_org_vector               ? 
_entity_src_gen.host_org_details                   ? 
_entity_src_gen.expression_system_id               ? 
_entity_src_gen.plasmid_name                       ? 
_entity_src_gen.plasmid_details                    ? 
_entity_src_gen.pdbx_description                   ? 
# 
_struct_ref.id                         1 
_struct_ref.db_name                    PDB 
_struct_ref.db_code                    7DU6 
_struct_ref.pdbx_db_accession          7DU6 
_struct_ref.pdbx_db_isoform            ? 
_struct_ref.entity_id                  1 
_struct_ref.pdbx_seq_one_letter_code   ? 
_struct_ref.pdbx_align_begin           1 
# 
_struct_ref_seq.align_id                      1 
_struct_ref_seq.ref_id                        1 
_struct_ref_seq.pdbx_PDB_id_code              7DU6 
_struct_ref_seq.pdbx_strand_id                A 
_struct_ref_seq.seq_align_beg                 1 
_struct_ref_seq.pdbx_seq_align_beg_ins_code   ? 
_struct_ref_seq.seq_align_end                 91 
_struct_ref_seq.pdbx_seq_align_end_ins_code   ? 
_struct_ref_seq.pdbx_db_accession             7DU6 
_struct_ref_seq.db_align_beg                  -1 
_struct_ref_seq.pdbx_db_align_beg_ins_code    ? 
_struct_ref_seq.db_align_end                  89 
_struct_ref_seq.pdbx_db_align_end_ins_code    ? 
_struct_ref_seq.pdbx_auth_seq_align_beg       -1 
_struct_ref_seq.pdbx_auth_seq_align_end       89 
# 
loop_
_chem_comp.id 
_chem_comp.type 
_chem_comp.mon_nstd_flag 
_chem_comp.name 
_chem_comp.pdbx_synonyms 
_chem_comp.formula 
_chem_comp.formula_weight 
ALA 'L-peptide linking' y ALANINE         ? 'C3 H7 N O2'     89.093  
ARG 'L-peptide linking' y ARGININE        ? 'C6 H15 N4 O2 1' 175.209 
ASP 'L-peptide linking' y 'ASPARTIC ACID' ? 'C4 H7 N O4'     133.103 
GLU 'L-peptide linking' y 'GLUTAMIC ACID' ? 'C5 H9 N O4'     147.129 
GLY 'peptide linking'   y GLYCINE         ? 'C2 H5 N O2'     75.067  
HOH non-polymer         . WATER           ? 'H2 O'           18.015  
ILE 'L-peptide linking' y ISOLEUCINE      ? 'C6 H13 N O2'    131.173 
LEU 'L-peptide linking' y LEUCINE         ? 'C6 H13 N O2'    131.173 
LYS 'L-peptide linking' y LYSINE          ? 'C6 H15 N2 O2 1' 147.195 
MET 'L-peptide linking' y METHIONINE      ? 'C5 H11 N O2 S'  149.211 
PRO 'L-peptide linking' y PROLINE         ? 'C5 H9 N O2'     115.130 
SER 'L-peptide linking' y SERINE          ? 'C3 H7 N O3'     105.093 
TYR 'L-peptide linking' y TYROSINE        ? 'C9 H11 N O3'    181.189 
VAL 'L-peptide linking' y VALINE          ? 'C5 H11 N O2'    117.146 
# 
_exptl.absorpt_coefficient_mu     ? 
_exptl.absorpt_correction_T_max   ? 
_exptl.absorpt_correction_T_min   ? 
_exptl.absorpt_correction_type    ? 
_exptl.absorpt_process_details    ? 
_exptl.entry_id                   7DU6 
_exptl.crystals_number            1 
_exptl.details                    ? 
_exptl.method                     'X-RAY DIFFRACTION' 
_exptl.method_details             ? 
# 
_exptl_crystal.colour                      ? 
_exptl_crystal.density_diffrn              ? 
_exptl_crystal.density_Matthews            3.06 
_exptl_crystal.density_method              ? 
_exptl_crystal.density_percent_sol         59.81 
_exptl_crystal.description                 ? 
_exptl_crystal.F_000                       ? 
_exptl_crystal.id                          1 
_exptl_crystal.preparation                 ? 
_exptl_crystal.size_max                    ? 
_exptl_crystal.size_mid                    ? 
_exptl_crystal.size_min                    ? 
_exptl_crystal.size_rad                    ? 
_exptl_crystal.colour_lustre               ? 
_exptl_crystal.colour_modifier             ? 
_exptl_crystal.colour_primary              ? 
_exptl_crystal.density_meas                ? 
_exptl_crystal.density_meas_esd            ? 
_exptl_crystal.density_meas_gt             ? 
_exptl_crystal.density_meas_lt             ? 
_exptl_crystal.density_meas_temp           ? 
_exptl_crystal.density_meas_temp_esd       ? 
_exptl_crystal.density_meas_temp_gt        ? 
_exptl_crystal.density_meas_temp_lt        ? 
_exptl_crystal.pdbx_crystal_image_url      ? 
_exptl_crystal.pdbx_crystal_image_format   ? 
_exptl_crystal.pdbx_mosaicity              ? 
_exptl_crystal.pdbx_mosaicity_esd          ? 
# 
_exptl_crystal_grow.apparatus       ? 
_exptl_crystal_grow.atmosphere      ? 
_exptl_crystal_grow.crystal_id      1 
_exptl_crystal_grow.details         ? 
_exptl_crystal_grow.method          'VAPOR DIFFUSION, SITTING DROP' 
_exptl_crystal_grow.method_ref      ? 
_exptl_crystal_grow.pH              9.5 
_exptl_crystal_grow.pressure        ? 
_exptl_crystal_grow.pressure_esd    ? 
_exptl_crystal_grow.seeding         ? 
_exptl_crystal_grow.seeding_ref     ? 
_exptl_crystal_grow.temp            293 
_exptl_crystal_grow.temp_details    ? 
_exptl_crystal_grow.temp_esd        ? 
_exptl_crystal_grow.time            ? 
_exptl_crystal_grow.pdbx_details    '100mM CHES pH 9.5, 1M sodium citrate tribasic' 
_exptl_crystal_grow.pdbx_pH_range   ? 
# 
_diffrn.ambient_environment              ? 
_diffrn.ambient_temp                     100 
_diffrn.ambient_temp_details             ? 
_diffrn.ambient_temp_esd                 ? 
_diffrn.crystal_id                       1 
_diffrn.crystal_support                  ? 
_diffrn.crystal_treatment                ? 
_diffrn.details                          ? 
_diffrn.id                               1 
_diffrn.ambient_pressure                 ? 
_diffrn.ambient_pressure_esd             ? 
_diffrn.ambient_pressure_gt              ? 
_diffrn.ambient_pressure_lt              ? 
_diffrn.ambient_temp_gt                  ? 
_diffrn.ambient_temp_lt                  ? 
_diffrn.pdbx_serial_crystal_experiment   N 
# 
_diffrn_detector.details                      ? 
_diffrn_detector.detector                     PIXEL 
_diffrn_detector.diffrn_id                    1 
_diffrn_detector.type                         'DECTRIS PILATUS3 2M' 
_diffrn_detector.area_resol_mean              ? 
_diffrn_detector.dtime                        ? 
_diffrn_detector.pdbx_frames_total            ? 
_diffrn_detector.pdbx_collection_time_total   ? 
_diffrn_detector.pdbx_collection_date         2019-11-29 
_diffrn_detector.pdbx_frequency               ? 
# 
_diffrn_radiation.collimation                      ? 
_diffrn_radiation.diffrn_id                        1 
_diffrn_radiation.filter_edge                      ? 
_diffrn_radiation.inhomogeneity                    ? 
_diffrn_radiation.monochromator                    ? 
_diffrn_radiation.polarisn_norm                    ? 
_diffrn_radiation.polarisn_ratio                   ? 
_diffrn_radiation.probe                            ? 
_diffrn_radiation.type                             ? 
_diffrn_radiation.xray_symbol                      ? 
_diffrn_radiation.wavelength_id                    1 
_diffrn_radiation.pdbx_monochromatic_or_laue_m_l   M 
_diffrn_radiation.pdbx_wavelength_list             ? 
_diffrn_radiation.pdbx_wavelength                  ? 
_diffrn_radiation.pdbx_diffrn_protocol             'SINGLE WAVELENGTH' 
_diffrn_radiation.pdbx_analyzer                    ? 
_diffrn_radiation.pdbx_scattering_type             x-ray 
# 
_diffrn_radiation_wavelength.id           1 
_diffrn_radiation_wavelength.wavelength   1 
_diffrn_radiation_wavelength.wt           1.0 
# 
_diffrn_source.current                     ? 
_diffrn_source.details                     ? 
_diffrn_source.diffrn_id                   1 
_diffrn_source.power                       ? 
_diffrn_source.size                        ? 
_diffrn_source.source                      SYNCHROTRON 
_diffrn_source.target                      ? 
_diffrn_source.type                        'PHOTON FACTORY BEAMLINE AR-NW12A' 
_diffrn_source.voltage                     ? 
_diffrn_source.take-off_angle              ? 
_diffrn_source.pdbx_wavelength_list        1 
_diffrn_source.pdbx_wavelength             ? 
_diffrn_source.pdbx_synchrotron_beamline   AR-NW12A 
_diffrn_source.pdbx_synchrotron_site       'Photon Factory' 
# 
_reflns.B_iso_Wilson_estimate            ? 
_reflns.entry_id                         7DU6 
_reflns.data_reduction_details           ? 
_reflns.data_reduction_method            ? 
_reflns.d_resolution_high                1.60 
_reflns.d_resolution_low                 50 
_reflns.details                          ? 
_reflns.limit_h_max                      ? 
_reflns.limit_h_min                      ? 
_reflns.limit_k_max                      ? 
_reflns.limit_k_min                      ? 
_reflns.limit_l_max                      ? 
_reflns.limit_l_min                      ? 
_reflns.number_all                       ? 
_reflns.number_obs                       15809 
_reflns.observed_criterion               ? 
_reflns.observed_criterion_F_max         ? 
_reflns.observed_criterion_F_min         ? 
_reflns.observed_criterion_I_max         ? 
_reflns.observed_criterion_I_min         ? 
_reflns.observed_criterion_sigma_F       ? 
_reflns.observed_criterion_sigma_I       ? 
_reflns.percent_possible_obs             99.9 
_reflns.R_free_details                   ? 
_reflns.Rmerge_F_all                     ? 
_reflns.Rmerge_F_obs                     ? 
_reflns.Friedel_coverage                 ? 
_reflns.number_gt                        ? 
_reflns.threshold_expression             ? 
_reflns.pdbx_redundancy                  10.00 
_reflns.pdbx_Rmerge_I_obs                ? 
_reflns.pdbx_Rmerge_I_all                ? 
_reflns.pdbx_Rsym_value                  ? 
_reflns.pdbx_netI_over_av_sigmaI         ? 
_reflns.pdbx_netI_over_sigmaI            32.34 
_reflns.pdbx_res_netI_over_av_sigmaI_2   ? 
_reflns.pdbx_res_netI_over_sigmaI_2      ? 
_reflns.pdbx_chi_squared                 ? 
_reflns.pdbx_scaling_rejects             ? 
_reflns.pdbx_d_res_high_opt              ? 
_reflns.pdbx_d_res_low_opt               ? 
_reflns.pdbx_d_res_opt_method            ? 
_reflns.phase_calculation_details        ? 
_reflns.pdbx_Rrim_I_all                  ? 
_reflns.pdbx_Rpim_I_all                  ? 
_reflns.pdbx_d_opt                       ? 
_reflns.pdbx_number_measured_all         ? 
_reflns.pdbx_diffrn_id                   1 
_reflns.pdbx_ordinal                     1 
_reflns.pdbx_CC_half                     1 
_reflns.pdbx_CC_star                     ? 
_reflns.pdbx_R_split                     ? 
# 
_reflns_shell.d_res_high                  1.600 
_reflns_shell.d_res_low                   1.700 
_reflns_shell.meanI_over_sigI_all         ? 
_reflns_shell.meanI_over_sigI_obs         ? 
_reflns_shell.number_measured_all         ? 
_reflns_shell.number_measured_obs         ? 
_reflns_shell.number_possible             ? 
_reflns_shell.number_unique_all           ? 
_reflns_shell.number_unique_obs           2522 
_reflns_shell.percent_possible_all        ? 
_reflns_shell.percent_possible_obs        ? 
_reflns_shell.Rmerge_F_all                ? 
_reflns_shell.Rmerge_F_obs                ? 
_reflns_shell.Rmerge_I_all                ? 
_reflns_shell.Rmerge_I_obs                ? 
_reflns_shell.meanI_over_sigI_gt          ? 
_reflns_shell.meanI_over_uI_all           ? 
_reflns_shell.meanI_over_uI_gt            ? 
_reflns_shell.number_measured_gt          ? 
_reflns_shell.number_unique_gt            ? 
_reflns_shell.percent_possible_gt         ? 
_reflns_shell.Rmerge_F_gt                 ? 
_reflns_shell.Rmerge_I_gt                 ? 
_reflns_shell.pdbx_redundancy             ? 
_reflns_shell.pdbx_Rsym_value             ? 
_reflns_shell.pdbx_chi_squared            ? 
_reflns_shell.pdbx_netI_over_sigmaI_all   ? 
_reflns_shell.pdbx_netI_over_sigmaI_obs   ? 
_reflns_shell.pdbx_Rrim_I_all             ? 
_reflns_shell.pdbx_Rpim_I_all             ? 
_reflns_shell.pdbx_rejects                ? 
_reflns_shell.pdbx_ordinal                1 
_reflns_shell.pdbx_diffrn_id              1 
_reflns_shell.pdbx_CC_half                0.883 
_reflns_shell.pdbx_CC_star                ? 
_reflns_shell.pdbx_R_split                ? 
# 
_refine.aniso_B[1][1]                            ? 
_refine.aniso_B[1][2]                            ? 
_refine.aniso_B[1][3]                            ? 
_refine.aniso_B[2][2]                            ? 
_refine.aniso_B[2][3]                            ? 
_refine.aniso_B[3][3]                            ? 
_refine.B_iso_max                                58.340 
_refine.B_iso_mean                               32.0494 
_refine.B_iso_min                                17.260 
_refine.correlation_coeff_Fo_to_Fc               ? 
_refine.correlation_coeff_Fo_to_Fc_free          ? 
_refine.details                                  ? 
_refine.diff_density_max                         ? 
_refine.diff_density_max_esd                     ? 
_refine.diff_density_min                         ? 
_refine.diff_density_min_esd                     ? 
_refine.diff_density_rms                         ? 
_refine.diff_density_rms_esd                     ? 
_refine.entry_id                                 7DU6 
_refine.pdbx_refine_id                           'X-RAY DIFFRACTION' 
_refine.ls_abs_structure_details                 ? 
_refine.ls_abs_structure_Flack                   ? 
_refine.ls_abs_structure_Flack_esd               ? 
_refine.ls_abs_structure_Rogers                  ? 
_refine.ls_abs_structure_Rogers_esd              ? 
_refine.ls_d_res_high                            1.6000 
_refine.ls_d_res_low                             44.3190 
_refine.ls_extinction_coef                       ? 
_refine.ls_extinction_coef_esd                   ? 
_refine.ls_extinction_expression                 ? 
_refine.ls_extinction_method                     ? 
_refine.ls_goodness_of_fit_all                   ? 
_refine.ls_goodness_of_fit_all_esd               ? 
_refine.ls_goodness_of_fit_obs                   ? 
_refine.ls_goodness_of_fit_obs_esd               ? 
_refine.ls_hydrogen_treatment                    ? 
_refine.ls_matrix_type                           ? 
_refine.ls_number_constraints                    ? 
_refine.ls_number_parameters                     ? 
_refine.ls_number_reflns_all                     ? 
_refine.ls_number_reflns_obs                     15806 
_refine.ls_number_reflns_R_free                  1574 
_refine.ls_number_reflns_R_work                  14232 
_refine.ls_number_restraints                     ? 
_refine.ls_percent_reflns_obs                    99.9200 
_refine.ls_percent_reflns_R_free                 9.9600 
_refine.ls_R_factor_all                          ? 
_refine.ls_R_factor_obs                          0.1954 
_refine.ls_R_factor_R_free                       0.2080 
_refine.ls_R_factor_R_free_error                 ? 
_refine.ls_R_factor_R_free_error_details         ? 
_refine.ls_R_factor_R_work                       0.1940 
_refine.ls_R_Fsqd_factor_obs                     ? 
_refine.ls_R_I_factor_obs                        ? 
_refine.ls_redundancy_reflns_all                 ? 
_refine.ls_redundancy_reflns_obs                 ? 
_refine.ls_restrained_S_all                      ? 
_refine.ls_restrained_S_obs                      ? 
_refine.ls_shift_over_esd_max                    ? 
_refine.ls_shift_over_esd_mean                   ? 
_refine.ls_structure_factor_coef                 ? 
_refine.ls_weighting_details                     ? 
_refine.ls_weighting_scheme                      ? 
_refine.ls_wR_factor_all                         ? 
_refine.ls_wR_factor_obs                         ? 
_refine.ls_wR_factor_R_free                      ? 
_refine.ls_wR_factor_R_work                      ? 
_refine.occupancy_max                            ? 
_refine.occupancy_min                            ? 
_refine.solvent_model_details                    'FLAT BULK SOLVENT MODEL' 
_refine.solvent_model_param_bsol                 ? 
_refine.solvent_model_param_ksol                 ? 
_refine.pdbx_R_complete                          ? 
_refine.ls_R_factor_gt                           ? 
_refine.ls_goodness_of_fit_gt                    ? 
_refine.ls_goodness_of_fit_ref                   ? 
_refine.ls_shift_over_su_max                     ? 
_refine.ls_shift_over_su_max_lt                  ? 
_refine.ls_shift_over_su_mean                    ? 
_refine.ls_shift_over_su_mean_lt                 ? 
_refine.pdbx_ls_sigma_I                          ? 
_refine.pdbx_ls_sigma_F                          2.050 
_refine.pdbx_ls_sigma_Fsqd                       ? 
_refine.pdbx_data_cutoff_high_absF               ? 
_refine.pdbx_data_cutoff_high_rms_absF           ? 
_refine.pdbx_data_cutoff_low_absF                ? 
_refine.pdbx_isotropic_thermal_model             ? 
_refine.pdbx_ls_cross_valid_method               THROUGHOUT 
_refine.pdbx_method_to_determine_struct          'MOLECULAR REPLACEMENT' 
_refine.pdbx_starting_model                      7DG7 
_refine.pdbx_stereochemistry_target_values       ML 
_refine.pdbx_R_Free_selection_details            ? 
_refine.pdbx_stereochem_target_val_spec_case     ? 
_refine.pdbx_overall_ESU_R                       ? 
_refine.pdbx_overall_ESU_R_Free                  ? 
_refine.pdbx_solvent_vdw_probe_radii             1.1100 
_refine.pdbx_solvent_ion_probe_radii             ? 
_refine.pdbx_solvent_shrinkage_radii             0.9000 
_refine.pdbx_real_space_R                        ? 
_refine.pdbx_density_correlation                 ? 
_refine.pdbx_pd_number_of_powder_patterns        ? 
_refine.pdbx_pd_number_of_points                 ? 
_refine.pdbx_pd_meas_number_of_points            ? 
_refine.pdbx_pd_proc_ls_prof_R_factor            ? 
_refine.pdbx_pd_proc_ls_prof_wR_factor           ? 
_refine.pdbx_pd_Marquardt_correlation_coeff      ? 
_refine.pdbx_pd_Fsqrd_R_factor                   ? 
_refine.pdbx_pd_ls_matrix_band_width             ? 
_refine.pdbx_overall_phase_error                 23.4800 
_refine.pdbx_overall_SU_R_free_Cruickshank_DPI   ? 
_refine.pdbx_overall_SU_R_free_Blow_DPI          ? 
_refine.pdbx_overall_SU_R_Blow_DPI               ? 
_refine.pdbx_TLS_residual_ADP_flag               ? 
_refine.pdbx_diffrn_id                           1 
_refine.overall_SU_B                             ? 
_refine.overall_SU_ML                            0.1900 
_refine.overall_SU_R_Cruickshank_DPI             ? 
_refine.overall_SU_R_free                        ? 
_refine.overall_FOM_free_R_set                   ? 
_refine.overall_FOM_work_R_set                   ? 
_refine.pdbx_average_fsc_overall                 ? 
_refine.pdbx_average_fsc_work                    ? 
_refine.pdbx_average_fsc_free                    ? 
# 
_refine_hist.pdbx_refine_id                   'X-RAY DIFFRACTION' 
_refine_hist.cycle_id                         final 
_refine_hist.details                          ? 
_refine_hist.d_res_high                       1.6000 
_refine_hist.d_res_low                        44.3190 
_refine_hist.number_atoms_solvent             85 
_refine_hist.number_atoms_total               763 
_refine_hist.number_reflns_all                ? 
_refine_hist.number_reflns_obs                ? 
_refine_hist.number_reflns_R_free             ? 
_refine_hist.number_reflns_R_work             ? 
_refine_hist.R_factor_all                     ? 
_refine_hist.R_factor_obs                     ? 
_refine_hist.R_factor_R_free                  ? 
_refine_hist.R_factor_R_work                  ? 
_refine_hist.pdbx_number_residues_total       86 
_refine_hist.pdbx_B_iso_mean_ligand           ? 
_refine_hist.pdbx_B_iso_mean_solvent          37.67 
_refine_hist.pdbx_number_atoms_protein        678 
_refine_hist.pdbx_number_atoms_nucleic_acid   0 
_refine_hist.pdbx_number_atoms_ligand         0 
_refine_hist.pdbx_number_atoms_lipid          ? 
_refine_hist.pdbx_number_atoms_carb           ? 
_refine_hist.pdbx_pseudo_atom_details         ? 
# 
loop_
_refine_ls_shell.pdbx_refine_id 
_refine_ls_shell.d_res_high 
_refine_ls_shell.d_res_low 
_refine_ls_shell.number_reflns_all 
_refine_ls_shell.number_reflns_obs 
_refine_ls_shell.number_reflns_R_free 
_refine_ls_shell.number_reflns_R_work 
_refine_ls_shell.percent_reflns_obs 
_refine_ls_shell.percent_reflns_R_free 
_refine_ls_shell.R_factor_all 
_refine_ls_shell.R_factor_obs 
_refine_ls_shell.R_factor_R_free 
_refine_ls_shell.R_factor_R_free_error 
_refine_ls_shell.R_factor_R_work 
_refine_ls_shell.redundancy_reflns_all 
_refine_ls_shell.redundancy_reflns_obs 
_refine_ls_shell.wR_factor_all 
_refine_ls_shell.wR_factor_obs 
_refine_ls_shell.wR_factor_R_free 
_refine_ls_shell.wR_factor_R_work 
_refine_ls_shell.pdbx_R_complete 
_refine_ls_shell.pdbx_total_number_of_bins_used 
_refine_ls_shell.pdbx_phase_error 
_refine_ls_shell.pdbx_fsc_work 
_refine_ls_shell.pdbx_fsc_free 
'X-RAY DIFFRACTION' 1.6003 1.6520  . . 142 1283 99.0000  . . . 0.2839 0.0000 0.2808 . . . . . . . . . . . 
'X-RAY DIFFRACTION' 1.6520 1.7110  . . 141 1286 100.0000 . . . 0.3443 0.0000 0.2720 . . . . . . . . . . . 
'X-RAY DIFFRACTION' 1.7110 1.7795  . . 143 1301 100.0000 . . . 0.2583 0.0000 0.2502 . . . . . . . . . . . 
'X-RAY DIFFRACTION' 1.7795 1.8605  . . 140 1283 100.0000 . . . 0.2601 0.0000 0.2450 . . . . . . . . . . . 
'X-RAY DIFFRACTION' 1.8605 1.9586  . . 140 1299 100.0000 . . . 0.2483 0.0000 0.2375 . . . . . . . . . . . 
'X-RAY DIFFRACTION' 1.9586 2.0813  . . 147 1309 100.0000 . . . 0.2259 0.0000 0.2174 . . . . . . . . . . . 
'X-RAY DIFFRACTION' 2.0813 2.2420  . . 139 1272 100.0000 . . . 0.2455 0.0000 0.1984 . . . . . . . . . . . 
'X-RAY DIFFRACTION' 2.2420 2.4676  . . 145 1323 100.0000 . . . 0.2156 0.0000 0.2050 . . . . . . . . . . . 
'X-RAY DIFFRACTION' 2.4676 2.8246  . . 142 1292 100.0000 . . . 0.2427 0.0000 0.1971 . . . . . . . . . . . 
'X-RAY DIFFRACTION' 2.8246 3.5585  . . 148 1301 100.0000 . . . 0.1833 0.0000 0.1771 . . . . . . . . . . . 
'X-RAY DIFFRACTION' 3.5585 44.3190 . . 147 1283 100.0000 . . . 0.1697 0.0000 0.1682 . . . . . . . . . . . 
# 
_struct.entry_id                     7DU6 
_struct.title                        'Crystal structure of the rationally designed mkDPBB_sym2 protein' 
_struct.pdbx_model_details           ? 
_struct.pdbx_formula_weight          ? 
_struct.pdbx_formula_weight_method   ? 
_struct.pdbx_model_type_details      ? 
_struct.pdbx_CASP_flag               N 
# 
_struct_keywords.entry_id        7DU6 
_struct_keywords.text            'Double psi beta barrel, CHAPERONE' 
_struct_keywords.pdbx_keywords   CHAPERONE 
# 
loop_
_struct_asym.id 
_struct_asym.pdbx_blank_PDB_chainid_flag 
_struct_asym.pdbx_modified 
_struct_asym.entity_id 
_struct_asym.details 
A N N 1 ? 
B N N 2 ? 
# 
loop_
_struct_conf.conf_type_id 
_struct_conf.id 
_struct_conf.pdbx_PDB_helix_id 
_struct_conf.beg_label_comp_id 
_struct_conf.beg_label_asym_id 
_struct_conf.beg_label_seq_id 
_struct_conf.pdbx_beg_PDB_ins_code 
_struct_conf.end_label_comp_id 
_struct_conf.end_label_asym_id 
_struct_conf.end_label_seq_id 
_struct_conf.pdbx_end_PDB_ins_code 
_struct_conf.beg_auth_comp_id 
_struct_conf.beg_auth_asym_id 
_struct_conf.beg_auth_seq_id 
_struct_conf.end_auth_comp_id 
_struct_conf.end_auth_asym_id 
_struct_conf.end_auth_seq_id 
_struct_conf.pdbx_PDB_helix_class 
_struct_conf.details 
_struct_conf.pdbx_PDB_helix_length 
HELX_P HELX_P1 AA1 TYR A 16 ? VAL A 20 ? TYR A 14 VAL A 18 5 ? 5 
HELX_P HELX_P2 AA2 ASP A 28 ? GLY A 36 ? ASP A 26 GLY A 34 1 ? 9 
HELX_P HELX_P3 AA3 TYR A 59 ? VAL A 63 ? TYR A 57 VAL A 61 5 ? 5 
HELX_P HELX_P4 AA4 ASP A 71 ? GLY A 79 ? ASP A 69 GLY A 77 1 ? 9 
# 
_struct_conf_type.id          HELX_P 
_struct_conf_type.criteria    ? 
_struct_conf_type.reference   ? 
# 
_struct_sheet.id               AA1 
_struct_sheet.type             ? 
_struct_sheet.number_strands   7 
_struct_sheet.details          ? 
# 
loop_
_struct_sheet_order.sheet_id 
_struct_sheet_order.range_id_1 
_struct_sheet_order.range_id_2 
_struct_sheet_order.offset 
_struct_sheet_order.sense 
AA1 1 2 ? parallel      
AA1 2 3 ? anti-parallel 
AA1 3 4 ? parallel      
AA1 4 5 ? anti-parallel 
AA1 5 6 ? anti-parallel 
AA1 6 7 ? anti-parallel 
# 
loop_
_struct_sheet_range.sheet_id 
_struct_sheet_range.id 
_struct_sheet_range.beg_label_comp_id 
_struct_sheet_range.beg_label_asym_id 
_struct_sheet_range.beg_label_seq_id 
_struct_sheet_range.pdbx_beg_PDB_ins_code 
_struct_sheet_range.end_label_comp_id 
_struct_sheet_range.end_label_asym_id 
_struct_sheet_range.end_label_seq_id 
_struct_sheet_range.pdbx_end_PDB_ins_code 
_struct_sheet_range.beg_auth_comp_id 
_struct_sheet_range.beg_auth_asym_id 
_struct_sheet_range.beg_auth_seq_id 
_struct_sheet_range.end_auth_comp_id 
_struct_sheet_range.end_auth_asym_id 
_struct_sheet_range.end_auth_seq_id 
AA1 1 SER A 7  ? ALA A 13 ? SER A 5  ALA A 11 
AA1 2 ILE A 67 ? ARG A 69 ? ILE A 65 ARG A 67 
AA1 3 ILE A 24 ? ARG A 26 ? ILE A 22 ARG A 24 
AA1 4 SER A 50 ? ALA A 56 ? SER A 48 ALA A 54 
AA1 5 TYR A 42 ? LYS A 46 ? TYR A 40 LYS A 44 
AA1 6 TYR A 85 ? LYS A 90 ? TYR A 83 LYS A 88 
AA1 7 SER A 7  ? ALA A 13 ? SER A 5  ALA A 11 
# 
loop_
_pdbx_struct_sheet_hbond.sheet_id 
_pdbx_struct_sheet_hbond.range_id_1 
_pdbx_struct_sheet_hbond.range_id_2 
_pdbx_struct_sheet_hbond.range_1_label_atom_id 
_pdbx_struct_sheet_hbond.range_1_label_comp_id 
_pdbx_struct_sheet_hbond.range_1_label_asym_id 
_pdbx_struct_sheet_hbond.range_1_label_seq_id 
_pdbx_struct_sheet_hbond.range_1_PDB_ins_code 
_pdbx_struct_sheet_hbond.range_1_auth_atom_id 
_pdbx_struct_sheet_hbond.range_1_auth_comp_id 
_pdbx_struct_sheet_hbond.range_1_auth_asym_id 
_pdbx_struct_sheet_hbond.range_1_auth_seq_id 
_pdbx_struct_sheet_hbond.range_2_label_atom_id 
_pdbx_struct_sheet_hbond.range_2_label_comp_id 
_pdbx_struct_sheet_hbond.range_2_label_asym_id 
_pdbx_struct_sheet_hbond.range_2_label_seq_id 
_pdbx_struct_sheet_hbond.range_2_PDB_ins_code 
_pdbx_struct_sheet_hbond.range_2_auth_atom_id 
_pdbx_struct_sheet_hbond.range_2_auth_comp_id 
_pdbx_struct_sheet_hbond.range_2_auth_asym_id 
_pdbx_struct_sheet_hbond.range_2_auth_seq_id 
AA1 1 2 N ALA A 13 ? N ALA A 11 O VAL A 68 ? O VAL A 66 
AA1 2 3 O ARG A 69 ? O ARG A 67 N ARG A 26 ? N ARG A 24 
AA1 3 4 N VAL A 25 ? N VAL A 23 O ALA A 56 ? O ALA A 54 
AA1 4 5 O VAL A 51 ? O VAL A 49 N VAL A 45 ? N VAL A 43 
AA1 5 6 N LYS A 46 ? N LYS A 44 O GLU A 87 ? O GLU A 85 
AA1 6 7 O VAL A 86 ? O VAL A 84 N ALA A 10 ? N ALA A 8  
# 
_atom_sites.entry_id                    7DU6 
_atom_sites.Cartn_transf_matrix[1][1]   ? 
_atom_sites.Cartn_transf_matrix[1][2]   ? 
_atom_sites.Cartn_transf_matrix[1][3]   ? 
_atom_sites.Cartn_transf_matrix[2][1]   ? 
_atom_sites.Cartn_transf_matrix[2][2]   ? 
_atom_sites.Cartn_transf_matrix[2][3]   ? 
_atom_sites.Cartn_transf_matrix[3][1]   ? 
_atom_sites.Cartn_transf_matrix[3][2]   ? 
_atom_sites.Cartn_transf_matrix[3][3]   ? 
_atom_sites.Cartn_transf_vector[1]      ? 
_atom_sites.Cartn_transf_vector[2]      ? 
_atom_sites.Cartn_transf_vector[3]      ? 
_atom_sites.fract_transf_matrix[1][1]   0.00432318 
_atom_sites.fract_transf_matrix[1][2]   -0.00035489 
_atom_sites.fract_transf_matrix[1][3]   -0.01569994 
_atom_sites.fract_transf_matrix[2][1]   0.01235200 
_atom_sites.fract_transf_matrix[2][2]   -0.00945298 
_atom_sites.fract_transf_matrix[2][3]   -0.00483408 
_atom_sites.fract_transf_matrix[3][1]   -0.00996919 
_atom_sites.fract_transf_matrix[3][2]   -0.01175862 
_atom_sites.fract_transf_matrix[3][3]   -0.00247935 
_atom_sites.fract_transf_vector[1]      0.235600 
_atom_sites.fract_transf_vector[2]      -0.002632 
_atom_sites.fract_transf_vector[3]      -0.298421 
_atom_sites.solution_primary            ? 
_atom_sites.solution_secondary          ? 
_atom_sites.solution_hydrogens          ? 
_atom_sites.special_details             ? 
# 
loop_
_atom_type.symbol 
C 
N 
O 
S 
# 
loop_
_atom_site.group_PDB 
_atom_site.id 
_atom_site.type_symbol 
_atom_site.label_atom_id 
_atom_site.label_alt_id 
_atom_site.label_comp_id 
_atom_site.label_asym_id 
_atom_site.label_entity_id 
_atom_site.label_seq_id 
_atom_site.pdbx_PDB_ins_code 
_atom_site.Cartn_x 
_atom_site.Cartn_y 
_atom_site.Cartn_z 
_atom_site.occupancy 
_atom_site.B_iso_or_equiv 
_atom_site.pdbx_formal_charge 
_atom_site.auth_seq_id 
_atom_site.auth_comp_id 
_atom_site.auth_asym_id 
_atom_site.auth_atom_id 
_atom_site.pdbx_PDB_model_num 
ATOM   1   N N   . LYS A 1 6  ? -7.369  11.343  -7.046  1.00 52.68 ? 4   LYS A N   1 
ATOM   2   C CA  . LYS A 1 6  ? -7.646  9.987   -7.587  1.00 49.45 ? 4   LYS A CA  1 
ATOM   3   C C   . LYS A 1 6  ? -6.446  9.078   -7.308  1.00 46.50 ? 4   LYS A C   1 
ATOM   4   O O   . LYS A 1 6  ? -6.595  7.853   -7.418  1.00 46.76 ? 4   LYS A O   1 
ATOM   5   C CB  . LYS A 1 6  ? -7.889  10.051  -9.096  1.00 54.64 ? 4   LYS A CB  1 
ATOM   6   C CG  . LYS A 1 6  ? -8.007  8.699   -9.788  1.00 53.08 ? 4   LYS A CG  1 
ATOM   7   C CD  . LYS A 1 6  ? -9.364  8.056   -9.589  1.00 56.94 ? 4   LYS A CD  1 
ATOM   8   C CE  . LYS A 1 6  ? -9.301  6.545   -9.539  1.00 54.41 ? 4   LYS A CE  1 
ATOM   9   N NZ  . LYS A 1 6  ? -9.436  6.030   -8.157  1.00 50.47 ? 4   LYS A NZ  1 
ATOM   10  N N   . SER A 1 7  ? -5.305  9.667   -6.957  1.00 40.45 ? 5   SER A N   1 
ATOM   11  C CA  . SER A 1 7  ? -4.098  8.850   -6.686  1.00 39.36 ? 5   SER A CA  1 
ATOM   12  C C   . SER A 1 7  ? -3.208  9.527   -5.642  1.00 39.02 ? 5   SER A C   1 
ATOM   13  O O   . SER A 1 7  ? -3.284  10.754  -5.489  1.00 39.30 ? 5   SER A O   1 
ATOM   14  C CB  . SER A 1 7  ? -3.342  8.592   -7.953  1.00 40.63 ? 5   SER A CB  1 
ATOM   15  O OG  . SER A 1 7  ? -2.325  9.555   -8.128  1.00 41.93 ? 5   SER A OG  1 
ATOM   16  N N   . VAL A 1 8  ? -2.413  8.726   -4.936  1.00 30.23 ? 6   VAL A N   1 
ATOM   17  C CA  . VAL A 1 8  ? -1.453  9.250   -3.927  1.00 29.42 ? 6   VAL A CA  1 
ATOM   18  C C   . VAL A 1 8  ? -0.124  8.531   -4.143  1.00 29.63 ? 6   VAL A C   1 
ATOM   19  O O   . VAL A 1 8  ? -0.129  7.431   -4.708  1.00 30.20 ? 6   VAL A O   1 
ATOM   20  C CB  . VAL A 1 8  ? -1.948  9.032   -2.486  1.00 28.43 ? 6   VAL A CB  1 
ATOM   21  C CG1 . VAL A 1 8  ? -3.205  9.826   -2.189  1.00 35.63 ? 6   VAL A CG1 1 
ATOM   22  C CG2 . VAL A 1 8  ? -2.158  7.557   -2.184  1.00 30.10 ? 6   VAL A CG2 1 
ATOM   23  N N   . VAL A 1 9  ? 0.968   9.159   -3.728  1.00 26.06 ? 7   VAL A N   1 
ATOM   24  C CA  . VAL A 1 9  ? 2.294   8.497   -3.826  1.00 27.55 ? 7   VAL A CA  1 
ATOM   25  C C   . VAL A 1 9  ? 2.666   8.049   -2.414  1.00 31.42 ? 7   VAL A C   1 
ATOM   26  O O   . VAL A 1 9  ? 2.506   8.847   -1.477  1.00 29.98 ? 7   VAL A O   1 
ATOM   27  C CB  . VAL A 1 9  ? 3.359   9.414   -4.449  1.00 30.66 ? 7   VAL A CB  1 
ATOM   28  C CG1 . VAL A 1 9  ? 4.749   8.816   -4.326  1.00 29.51 ? 7   VAL A CG1 1 
ATOM   29  C CG2 . VAL A 1 9  ? 3.033   9.704   -5.902  1.00 33.46 ? 7   VAL A CG2 1 
ATOM   30  N N   . ALA A 1 10 ? 3.096   6.799   -2.283  1.00 26.75 ? 8   ALA A N   1 
ATOM   31  C CA  . ALA A 1 10 ? 3.456   6.261   -0.958  1.00 29.99 ? 8   ALA A CA  1 
ATOM   32  C C   . ALA A 1 10 ? 4.840   5.623   -1.022  1.00 25.35 ? 8   ALA A C   1 
ATOM   33  O O   . ALA A 1 10 ? 5.221   5.111   -2.080  1.00 28.19 ? 8   ALA A O   1 
ATOM   34  C CB  . ALA A 1 10 ? 2.427   5.250   -0.520  1.00 27.94 ? 8   ALA A CB  1 
ATOM   35  N N   . ARG A 1 11 ? 5.561   5.712   0.086   1.00 24.23 ? 9   ARG A N   1 
ATOM   36  C CA  . ARG A 1 11 ? 6.860   5.063   0.224   1.00 25.38 ? 9   ARG A CA  1 
ATOM   37  C C   . ARG A 1 11 ? 6.642   3.620   0.683   1.00 23.60 ? 9   ARG A C   1 
ATOM   38  O O   . ARG A 1 11 ? 5.957   3.384   1.684   1.00 24.59 ? 9   ARG A O   1 
ATOM   39  C CB  . ARG A 1 11 ? 7.741   5.823   1.221   1.00 28.73 ? 9   ARG A CB  1 
ATOM   40  C CG  . ARG A 1 11 ? 9.208   5.369   1.262   1.00 34.93 ? 9   ARG A CG  1 
ATOM   41  C CD  . ARG A 1 11 ? 10.097  6.330   2.065   1.00 41.33 ? 9   ARG A CD  1 
ATOM   42  N NE  . ARG A 1 11 ? 9.489   6.772   3.326   1.00 51.16 ? 9   ARG A NE  1 
ATOM   43  C CZ  . ARG A 1 11 ? 9.195   8.040   3.622   1.00 51.07 ? 9   ARG A CZ  1 
ATOM   44  N NH1 . ARG A 1 11 ? 9.454   9.013   2.752   1.00 50.99 ? 9   ARG A NH1 1 
ATOM   45  N NH2 . ARG A 1 11 ? 8.643   8.335   4.796   1.00 52.31 ? 9   ARG A NH2 1 
ATOM   46  N N   . VAL A 1 12 ? 7.199   2.664   -0.065  1.00 24.60 ? 10  VAL A N   1 
ATOM   47  C CA  . VAL A 1 12 ? 7.040   1.245   0.276   1.00 26.47 ? 10  VAL A CA  1 
ATOM   48  C C   . VAL A 1 12 ? 7.800   0.934   1.558   1.00 25.90 ? 10  VAL A C   1 
ATOM   49  O O   . VAL A 1 12 ? 8.976   1.283   1.703   1.00 26.58 ? 10  VAL A O   1 
ATOM   50  C CB  . VAL A 1 12 ? 7.540   0.346   -0.867  1.00 28.75 ? 10  VAL A CB  1 
ATOM   51  C CG1 . VAL A 1 12 ? 7.443   -1.120  -0.454  1.00 25.56 ? 10  VAL A CG1 1 
ATOM   52  C CG2 . VAL A 1 12 ? 6.757   0.585   -2.137  1.00 29.61 ? 10  VAL A CG2 1 
ATOM   53  N N   . ALA A 1 13 ? 7.137   0.258   2.502   1.00 21.84 ? 11  ALA A N   1 
ATOM   54  C CA  . ALA A 1 13 ? 7.766   -0.180  3.744   1.00 24.59 ? 11  ALA A CA  1 
ATOM   55  C C   . ALA A 1 13 ? 7.474   -1.661  3.933   1.00 23.53 ? 11  ALA A C   1 
ATOM   56  O O   . ALA A 1 13 ? 6.483   -2.176  3.414   1.00 21.94 ? 11  ALA A O   1 
ATOM   57  C CB  . ALA A 1 13 ? 7.263   0.618   4.962   1.00 24.38 ? 11  ALA A CB  1 
ATOM   58  N N   . GLU A 1 14 ? 8.366   -2.336  4.656   1.00 24.40 ? 12  GLU A N   1 
ATOM   59  C CA  . GLU A 1 14 ? 8.247   -3.801  4.867   1.00 24.17 ? 12  GLU A CA  1 
ATOM   60  C C   . GLU A 1 14 ? 6.921   -4.127  5.560   1.00 20.63 ? 12  GLU A C   1 
ATOM   61  O O   . GLU A 1 14 ? 6.514   -3.377  6.443   1.00 21.85 ? 12  GLU A O   1 
ATOM   62  C CB  . GLU A 1 14 ? 9.445   -4.348  5.642   1.00 24.47 ? 12  GLU A CB  1 
ATOM   63  C CG  . GLU A 1 14 ? 9.455   -5.861  5.725   1.00 23.55 ? 12  GLU A CG  1 
ATOM   64  C CD  . GLU A 1 14 ? 9.434   -6.569  4.384   1.00 26.40 ? 12  GLU A CD  1 
ATOM   65  O OE1 . GLU A 1 14 ? 10.514  -6.811  3.841   1.00 28.14 ? 12  GLU A OE1 1 
ATOM   66  O OE2 . GLU A 1 14 ? 8.341   -6.872  3.894   1.00 24.46 ? 12  GLU A OE2 1 
ATOM   67  N N   . ALA A 1 15 ? 6.301   -5.233  5.158   1.00 21.21 ? 13  ALA A N   1 
ATOM   68  C CA  . ALA A 1 15 ? 5.009   -5.655  5.736   1.00 19.55 ? 13  ALA A CA  1 
ATOM   69  C C   . ALA A 1 15 ? 5.207   -6.223  7.142   1.00 21.11 ? 13  ALA A C   1 
ATOM   70  O O   . ALA A 1 15 ? 6.292   -6.718  7.442   1.00 21.51 ? 13  ALA A O   1 
ATOM   71  C CB  . ALA A 1 15 ? 4.378   -6.694  4.850   1.00 20.67 ? 13  ALA A CB  1 
ATOM   72  N N   . TYR A 1 16 ? 4.163   -6.133  7.965   1.00 18.72 ? 14  TYR A N   1 
ATOM   73  C CA  . TYR A 1 16 ? 4.195   -6.764  9.304   1.00 21.02 ? 14  TYR A CA  1 
ATOM   74  C C   . TYR A 1 16 ? 4.186   -8.276  9.058   1.00 21.53 ? 14  TYR A C   1 
ATOM   75  O O   . TYR A 1 16 ? 3.472   -8.732  8.165   1.00 20.16 ? 14  TYR A O   1 
ATOM   76  C CB  . TYR A 1 16 ? 3.082   -6.185  10.176  1.00 20.14 ? 14  TYR A CB  1 
ATOM   77  C CG  . TYR A 1 16 ? 3.344   -4.748  10.544  1.00 19.06 ? 14  TYR A CG  1 
ATOM   78  C CD1 . TYR A 1 16 ? 4.086   -4.430  11.663  1.00 23.09 ? 14  TYR A CD1 1 
ATOM   79  C CD2 . TYR A 1 16 ? 2.907   -3.710  9.744   1.00 21.18 ? 14  TYR A CD2 1 
ATOM   80  C CE1 . TYR A 1 16 ? 4.362   -3.120  12.002  1.00 24.46 ? 14  TYR A CE1 1 
ATOM   81  C CE2 . TYR A 1 16 ? 3.174   -2.389  10.065  1.00 21.56 ? 14  TYR A CE2 1 
ATOM   82  C CZ  . TYR A 1 16 ? 3.906   -2.093  11.200  1.00 23.00 ? 14  TYR A CZ  1 
ATOM   83  O OH  . TYR A 1 16 ? 4.182   -0.803  11.541  1.00 22.26 ? 14  TYR A OH  1 
ATOM   84  N N   . PRO A 1 17 ? 4.946   -9.076  9.829   1.00 19.89 ? 15  PRO A N   1 
ATOM   85  C CA  . PRO A 1 17 ? 5.095   -10.502 9.546   1.00 22.08 ? 15  PRO A CA  1 
ATOM   86  C C   . PRO A 1 17 ? 3.809   -11.325 9.369   1.00 20.50 ? 15  PRO A C   1 
ATOM   87  O O   . PRO A 1 17 ? 3.773   -12.144 8.491   1.00 22.21 ? 15  PRO A O   1 
ATOM   88  C CB  . PRO A 1 17 ? 5.973   -11.023 10.694  1.00 22.94 ? 15  PRO A CB  1 
ATOM   89  C CG  . PRO A 1 17 ? 5.861   -9.970  11.767  1.00 19.73 ? 15  PRO A CG  1 
ATOM   90  C CD  . PRO A 1 17 ? 5.665   -8.665  11.029  1.00 20.47 ? 15  PRO A CD  1 
ATOM   91  N N   . GLU A 1 18 ? 2.793   -11.071 10.187  1.00 22.11 ? 16  GLU A N   1 
ATOM   92  C CA  . GLU A 1 18 ? 1.543   -11.864 10.090  1.00 23.98 ? 16  GLU A CA  1 
ATOM   93  C C   . GLU A 1 18 ? 0.760   -11.500 8.823   1.00 25.55 ? 16  GLU A C   1 
ATOM   94  O O   . GLU A 1 18 ? -0.166  -12.246 8.487   1.00 26.56 ? 16  GLU A O   1 
ATOM   95  C CB  . GLU A 1 18 ? 0.709   -11.706 11.359  1.00 25.75 ? 16  GLU A CB  1 
ATOM   96  C CG  . GLU A 1 18 ? 1.362   -12.348 12.565  1.00 27.21 ? 16  GLU A CG  1 
ATOM   97  C CD  . GLU A 1 18 ? 1.517   -13.854 12.450  1.00 35.54 ? 16  GLU A CD  1 
ATOM   98  O OE1 . GLU A 1 18 ? 0.555   -14.501 12.023  1.00 35.28 ? 16  GLU A OE1 1 
ATOM   99  O OE2 . GLU A 1 18 ? 2.595   -14.365 12.776  1.00 34.78 ? 16  GLU A OE2 1 
ATOM   100 N N   . ASP A 1 19 ? 1.106   -10.394 8.160   1.00 20.57 ? 17  ASP A N   1 
ATOM   101 C CA  . ASP A 1 19 ? 0.406   -10.016 6.938   1.00 20.36 ? 17  ASP A CA  1 
ATOM   102 C C   . ASP A 1 19 ? 1.020   -10.617 5.690   1.00 24.50 ? 17  ASP A C   1 
ATOM   103 O O   . ASP A 1 19 ? 0.415   -10.509 4.616   1.00 23.58 ? 17  ASP A O   1 
ATOM   104 C CB  . ASP A 1 19 ? 0.383   -8.489  6.769   1.00 22.01 ? 17  ASP A CB  1 
ATOM   105 C CG  . ASP A 1 19 ? -0.172  -7.771  7.982   1.00 22.82 ? 17  ASP A CG  1 
ATOM   106 O OD1 . ASP A 1 19 ? -1.017  -8.335  8.712   1.00 24.18 ? 17  ASP A OD1 1 
ATOM   107 O OD2 . ASP A 1 19 ? 0.217   -6.607  8.189   1.00 21.45 ? 17  ASP A OD2 1 
ATOM   108 N N   . VAL A 1 20 ? 2.211   -11.223 5.792   1.00 21.31 ? 18  VAL A N   1 
ATOM   109 C CA  . VAL A 1 20 ? 2.917   -11.680 4.596   1.00 22.69 ? 18  VAL A CA  1 
ATOM   110 C C   . VAL A 1 20 ? 2.108   -12.758 3.892   1.00 24.84 ? 18  VAL A C   1 
ATOM   111 O O   . VAL A 1 20 ? 1.659   -13.733 4.513   1.00 27.44 ? 18  VAL A O   1 
ATOM   112 C CB  . VAL A 1 20 ? 4.321   -12.181 4.965   1.00 23.26 ? 18  VAL A CB  1 
ATOM   113 C CG1 . VAL A 1 20 ? 5.027   -12.806 3.742   1.00 24.61 ? 18  VAL A CG1 1 
ATOM   114 C CG2 . VAL A 1 20 ? 5.174   -11.050 5.534   1.00 24.35 ? 18  VAL A CG2 1 
ATOM   115 N N   . GLY A 1 21 ? 1.916   -12.583 2.583   1.00 23.79 ? 19  GLY A N   1 
ATOM   116 C CA  . GLY A 1 21 ? 1.160   -13.511 1.766   1.00 27.02 ? 19  GLY A CA  1 
ATOM   117 C C   . GLY A 1 21 ? -0.327  -13.248 1.681   1.00 29.74 ? 19  GLY A C   1 
ATOM   118 O O   . GLY A 1 21 ? -1.019  -13.958 0.936   1.00 31.05 ? 19  GLY A O   1 
ATOM   119 N N   . LYS A 1 22 ? -0.848  -12.246 2.394   1.00 28.31 ? 20  LYS A N   1 
ATOM   120 C CA  . LYS A 1 22 ? -2.280  -11.980 2.420   1.00 25.70 ? 20  LYS A CA  1 
ATOM   121 C C   . LYS A 1 22 ? -2.727  -10.930 1.405   1.00 26.84 ? 20  LYS A C   1 
ATOM   122 O O   . LYS A 1 22 ? -3.911  -10.581 1.385   1.00 30.03 ? 20  LYS A O   1 
ATOM   123 C CB  . LYS A 1 22 ? -2.705  -11.566 3.832   1.00 28.36 ? 20  LYS A CB  1 
ATOM   124 C CG  . LYS A 1 22 ? -2.432  -12.640 4.849   1.00 29.29 ? 20  LYS A CG  1 
ATOM   125 C CD  . LYS A 1 22 ? -2.954  -12.267 6.209   1.00 30.04 ? 20  LYS A CD  1 
ATOM   126 C CE  . LYS A 1 22 ? -2.811  -13.438 7.165   1.00 31.81 ? 20  LYS A CE  1 
ATOM   127 N NZ  . LYS A 1 22 ? -3.161  -13.050 8.556   1.00 35.93 ? 20  LYS A NZ  1 
ATOM   128 N N   . ARG A 1 23 ? -1.807  -10.443 0.575   1.00 25.07 ? 21  ARG A N   1 
ATOM   129 C CA  . ARG A 1 23 ? -2.133  -9.451  -0.487  1.00 25.33 ? 21  ARG A CA  1 
ATOM   130 C C   . ARG A 1 23 ? -2.885  -8.232  0.063   1.00 27.53 ? 21  ARG A C   1 
ATOM   131 O O   . ARG A 1 23 ? -3.894  -7.837  -0.527  1.00 26.91 ? 21  ARG A O   1 
ATOM   132 C CB  . ARG A 1 23 ? -2.870  -10.123 -1.646  1.00 31.69 ? 21  ARG A CB  1 
ATOM   133 C CG  . ARG A 1 23 ? -2.035  -11.201 -2.315  1.00 29.74 ? 21  ARG A CG  1 
ATOM   134 C CD  . ARG A 1 23 ? -2.677  -11.805 -3.541  1.00 31.02 ? 21  ARG A CD  1 
ATOM   135 N NE  . ARG A 1 23 ? -1.799  -12.810 -4.113  1.00 33.33 ? 21  ARG A NE  1 
ATOM   136 C CZ  . ARG A 1 23 ? -2.020  -13.416 -5.268  1.00 37.17 ? 21  ARG A CZ  1 
ATOM   137 N NH1 . ARG A 1 23 ? -3.092  -13.112 -5.977  1.00 34.22 ? 21  ARG A NH1 1 
ATOM   138 N NH2 . ARG A 1 23 ? -1.165  -14.318 -5.713  1.00 32.96 ? 21  ARG A NH2 1 
ATOM   139 N N   . ILE A 1 24 ? -2.410  -7.686  1.178   1.00 25.69 ? 22  ILE A N   1 
ATOM   140 C CA  . ILE A 1 24 ? -2.962  -6.448  1.703   1.00 25.55 ? 22  ILE A CA  1 
ATOM   141 C C   . ILE A 1 24 ? -1.891  -5.364  1.634   1.00 22.29 ? 22  ILE A C   1 
ATOM   142 O O   . ILE A 1 24 ? -0.686  -5.632  1.587   1.00 24.81 ? 22  ILE A O   1 
ATOM   143 C CB  . ILE A 1 24 ? -3.503  -6.593  3.141   1.00 26.74 ? 22  ILE A CB  1 
ATOM   144 C CG1 . ILE A 1 24 ? -2.383  -6.958  4.124   1.00 25.14 ? 22  ILE A CG1 1 
ATOM   145 C CG2 . ILE A 1 24 ? -4.638  -7.611  3.208   1.00 30.08 ? 22  ILE A CG2 1 
ATOM   146 C CD1 . ILE A 1 24 ? -2.768  -6.712  5.598   1.00 28.61 ? 22  ILE A CD1 1 
ATOM   147 N N   . VAL A 1 25 ? -2.345  -4.121  1.639   1.00 22.18 ? 23  VAL A N   1 
ATOM   148 C CA  . VAL A 1 25 ? -1.456  -2.981  1.818   1.00 21.07 ? 23  VAL A CA  1 
ATOM   149 C C   . VAL A 1 25 ? -2.011  -2.132  2.940   1.00 20.50 ? 23  VAL A C   1 
ATOM   150 O O   . VAL A 1 25 ? -3.195  -1.780  2.935   1.00 22.97 ? 23  VAL A O   1 
ATOM   151 C CB  . VAL A 1 25 ? -1.289  -2.163  0.526   1.00 22.94 ? 23  VAL A CB  1 
ATOM   152 C CG1 . VAL A 1 25 ? -0.418  -2.928  -0.459  1.00 26.94 ? 23  VAL A CG1 1 
ATOM   153 C CG2 . VAL A 1 25 ? -2.646  -1.809  -0.104  1.00 24.47 ? 23  VAL A CG2 1 
ATOM   154 N N   . ARG A 1 26 ? -1.179  -1.824  3.925   1.00 19.38 ? 24  ARG A N   1 
ATOM   155 C CA  . ARG A 1 26 ? -1.656  -1.001  5.030   1.00 18.23 ? 24  ARG A CA  1 
ATOM   156 C C   . ARG A 1 26 ? -1.370  0.459   4.703   1.00 19.57 ? 24  ARG A C   1 
ATOM   157 O O   . ARG A 1 26 ? -0.243  0.812   4.339   1.00 19.00 ? 24  ARG A O   1 
ATOM   158 C CB  . ARG A 1 26 ? -1.010  -1.411  6.355   1.00 18.23 ? 24  ARG A CB  1 
ATOM   159 C CG  . ARG A 1 26 ? -1.412  -2.834  6.824   1.00 17.26 ? 24  ARG A CG  1 
ATOM   160 C CD  . ARG A 1 26 ? -1.094  -3.060  8.287   1.00 18.68 ? 24  ARG A CD  1 
ATOM   161 N NE  . ARG A 1 26 ? -1.477  -4.418  8.673   1.00 18.97 ? 24  ARG A NE  1 
ATOM   162 C CZ  . ARG A 1 26 ? -2.699  -4.774  9.065   1.00 20.71 ? 24  ARG A CZ  1 
ATOM   163 N NH1 . ARG A 1 26 ? -3.685  -3.878  9.168   1.00 19.27 ? 24  ARG A NH1 1 
ATOM   164 N NH2 . ARG A 1 26 ? -2.934  -6.050  9.356   1.00 22.68 ? 24  ARG A NH2 1 
ATOM   165 N N   . MET A 1 27 ? -2.410  1.277   4.742   1.00 20.30 ? 25  MET A N   1 
ATOM   166 C CA  . MET A 1 27 ? -2.346  2.697   4.429   1.00 19.68 ? 25  MET A CA  1 
ATOM   167 C C   . MET A 1 27 ? -3.270  3.402   5.402   1.00 21.66 ? 25  MET A C   1 
ATOM   168 O O   . MET A 1 27 ? -4.345  2.883   5.711   1.00 23.00 ? 25  MET A O   1 
ATOM   169 C CB  . MET A 1 27 ? -2.793  2.984   2.987   1.00 23.45 ? 25  MET A CB  1 
ATOM   170 C CG  . MET A 1 27 ? -1.942  2.328   1.937   1.00 27.33 ? 25  MET A CG  1 
ATOM   171 S SD  . MET A 1 27 ? -2.588  2.709   0.285   1.00 36.62 ? 25  MET A SD  1 
ATOM   172 C CE  . MET A 1 27 ? -2.630  4.490   0.304   1.00 32.25 ? 25  MET A CE  1 
ATOM   173 N N   . ASP A 1 28 ? -2.867  4.583   5.868   1.00 20.67 ? 26  ASP A N   1 
ATOM   174 C CA  . ASP A 1 28 ? -3.593  5.226   6.957   1.00 21.90 ? 26  ASP A CA  1 
ATOM   175 C C   . ASP A 1 28 ? -4.820  5.992   6.447   1.00 22.64 ? 26  ASP A C   1 
ATOM   176 O O   . ASP A 1 28 ? -5.080  6.094   5.243   1.00 23.28 ? 26  ASP A O   1 
ATOM   177 C CB  . ASP A 1 28 ? -2.650  6.118   7.776   1.00 21.73 ? 26  ASP A CB  1 
ATOM   178 C CG  . ASP A 1 28 ? -2.232  7.402   7.059   1.00 26.57 ? 26  ASP A CG  1 
ATOM   179 O OD1 . ASP A 1 28 ? -2.928  7.907   6.156   1.00 24.67 ? 26  ASP A OD1 1 
ATOM   180 O OD2 . ASP A 1 28 ? -1.165  7.906   7.438   1.00 25.85 ? 26  ASP A OD2 1 
ATOM   181 N N   . LYS A 1 29 ? -5.587  6.536   7.396   1.00 24.48 ? 27  LYS A N   1 
ATOM   182 C CA  . LYS A 1 29 ? -6.881  7.132   7.069   1.00 27.35 ? 27  LYS A CA  1 
ATOM   183 C C   . LYS A 1 29 ? -6.729  8.365   6.191   1.00 27.17 ? 27  LYS A C   1 
ATOM   184 O O   . LYS A 1 29 ? -7.643  8.702   5.423   1.00 29.89 ? 27  LYS A O   1 
ATOM   185 C CB  . LYS A 1 29 ? -7.613  7.486   8.358   1.00 27.29 ? 27  LYS A CB  1 
ATOM   186 C CG  . LYS A 1 29 ? -6.812  8.400   9.278   1.00 28.69 ? 27  LYS A CG  1 
ATOM   187 C CD  . LYS A 1 29 ? -7.537  8.555   10.608  1.00 37.37 ? 27  LYS A CD  1 
ATOM   188 C CE  . LYS A 1 29 ? -6.748  9.399   11.594  1.00 39.75 ? 27  LYS A CE  1 
ATOM   189 N NZ  . LYS A 1 29 ? -7.485  9.513   12.886  1.00 43.06 ? 27  LYS A NZ  1 
ATOM   190 N N   . TYR A 1 30 ? -5.589  9.041   6.289   1.00 27.69 ? 28  TYR A N   1 
ATOM   191 C CA  . TYR A 1 30 ? -5.353  10.225  5.471   1.00 30.61 ? 28  TYR A CA  1 
ATOM   192 C C   . TYR A 1 30 ? -5.160  9.841   4.013   1.00 31.73 ? 28  TYR A C   1 
ATOM   193 O O   . TYR A 1 30 ? -5.721  10.477  3.111   1.00 33.40 ? 28  TYR A O   1 
ATOM   194 C CB  . TYR A 1 30 ? -4.140  10.993  5.992   1.00 32.98 ? 28  TYR A CB  1 
ATOM   195 C CG  . TYR A 1 30 ? -4.293  11.449  7.420   1.00 34.85 ? 28  TYR A CG  1 
ATOM   196 C CD1 . TYR A 1 30 ? -5.305  12.331  7.780   1.00 38.28 ? 28  TYR A CD1 1 
ATOM   197 C CD2 . TYR A 1 30 ? -3.424  11.004  8.416   1.00 33.13 ? 28  TYR A CD2 1 
ATOM   198 C CE1 . TYR A 1 30 ? -5.457  12.748  9.077   1.00 37.41 ? 28  TYR A CE1 1 
ATOM   199 C CE2 . TYR A 1 30 ? -3.571  11.425  9.728   1.00 39.63 ? 28  TYR A CE2 1 
ATOM   200 C CZ  . TYR A 1 30 ? -4.591  12.297  10.047  1.00 43.03 ? 28  TYR A CZ  1 
ATOM   201 O OH  . TYR A 1 30 ? -4.756  12.726  11.346  1.00 46.88 ? 28  TYR A OH  1 
ATOM   202 N N   . GLU A 1 31 ? -4.356  8.805   3.764   1.00 27.21 ? 29  GLU A N   1 
ATOM   203 C CA  . GLU A 1 31 ? -4.156  8.337   2.400   1.00 28.88 ? 29  GLU A CA  1 
ATOM   204 C C   . GLU A 1 31 ? -5.437  7.726   1.835   1.00 29.32 ? 29  GLU A C   1 
ATOM   205 O O   . GLU A 1 31 ? -5.742  7.919   0.653   1.00 32.06 ? 29  GLU A O   1 
ATOM   206 C CB  . GLU A 1 31 ? -2.987  7.346   2.358   1.00 27.36 ? 29  GLU A CB  1 
ATOM   207 C CG  . GLU A 1 31 ? -1.711  7.907   2.998   1.00 31.01 ? 29  GLU A CG  1 
ATOM   208 C CD  . GLU A 1 31 ? -1.383  9.292   2.476   1.00 32.38 ? 29  GLU A CD  1 
ATOM   209 O OE1 . GLU A 1 31 ? -1.271  9.433   1.251   1.00 36.62 ? 29  GLU A OE1 1 
ATOM   210 O OE2 . GLU A 1 31 ? -1.270  10.249  3.276   1.00 35.92 ? 29  GLU A OE2 1 
ATOM   211 N N   . ARG A 1 32 ? -6.211  7.012   2.663   1.00 25.38 ? 30  ARG A N   1 
ATOM   212 C CA  . ARG A 1 32 ? -7.482  6.465   2.187   1.00 26.71 ? 30  ARG A CA  1 
ATOM   213 C C   . ARG A 1 32 ? -8.468  7.571   1.838   1.00 29.85 ? 30  ARG A C   1 
ATOM   214 O O   . ARG A 1 32 ? -9.238  7.443   0.880   1.00 32.38 ? 30  ARG A O   1 
ATOM   215 C CB  . ARG A 1 32 ? -8.108  5.538   3.228   1.00 26.51 ? 30  ARG A CB  1 
ATOM   216 C CG  . ARG A 1 32 ? -7.287  4.304   3.536   1.00 23.10 ? 30  ARG A CG  1 
ATOM   217 C CD  . ARG A 1 32 ? -8.086  3.253   4.288   1.00 23.46 ? 30  ARG A CD  1 
ATOM   218 N NE  . ARG A 1 32 ? -8.733  3.728   5.514   1.00 26.56 ? 30  ARG A NE  1 
ATOM   219 C CZ  . ARG A 1 32 ? -8.171  3.699   6.723   1.00 23.30 ? 30  ARG A CZ  1 
ATOM   220 N NH1 . ARG A 1 32 ? -6.927  3.245   6.894   1.00 23.31 ? 30  ARG A NH1 1 
ATOM   221 N NH2 . ARG A 1 32 ? -8.855  4.126   7.775   1.00 23.98 ? 30  ARG A NH2 1 
ATOM   222 N N   . ALA A 1 33 ? -8.452  8.648   2.623   1.00 29.89 ? 31  ALA A N   1 
ATOM   223 C CA  . ALA A 1 33 ? -9.365  9.788   2.381   1.00 32.36 ? 31  ALA A CA  1 
ATOM   224 C C   . ALA A 1 33 ? -9.053  10.408  1.018   1.00 35.54 ? 31  ALA A C   1 
ATOM   225 O O   . ALA A 1 33 ? -9.996  10.772  0.304   1.00 38.51 ? 31  ALA A O   1 
ATOM   226 C CB  . ALA A 1 33 ? -9.230  10.798  3.489   1.00 31.34 ? 31  ALA A CB  1 
ATOM   227 N N   . LYS A 1 34 ? -7.769  10.507  0.682   1.00 31.59 ? 32  LYS A N   1 
ATOM   228 C CA  . LYS A 1 34 ? -7.334  11.093  -0.610  1.00 32.65 ? 32  LYS A CA  1 
ATOM   229 C C   . LYS A 1 34 ? -7.840  10.238  -1.778  1.00 39.23 ? 32  LYS A C   1 
ATOM   230 O O   . LYS A 1 34 ? -8.185  10.817  -2.813  1.00 39.95 ? 32  LYS A O   1 
ATOM   231 C CB  . LYS A 1 34 ? -5.808  11.154  -0.667  1.00 36.24 ? 32  LYS A CB  1 
ATOM   232 C CG  . LYS A 1 34 ? -5.159  12.201  0.221   1.00 39.57 ? 32  LYS A CG  1 
ATOM   233 C CD  . LYS A 1 34 ? -4.969  13.523  -0.476  1.00 42.34 ? 32  LYS A CD  1 
ATOM   234 C CE  . LYS A 1 34 ? -4.684  14.658  0.480   1.00 44.57 ? 32  LYS A CE  1 
ATOM   235 N NZ  . LYS A 1 34 ? -5.746  15.685  0.436   1.00 44.44 ? 32  LYS A NZ  1 
ATOM   236 N N   . LEU A 1 35 ? -7.869  8.915   -1.610  1.00 32.55 ? 33  LEU A N   1 
ATOM   237 C CA  . LEU A 1 35 ? -8.287  7.995   -2.700  1.00 36.02 ? 33  LEU A CA  1 
ATOM   238 C C   . LEU A 1 35 ? -9.792  7.735   -2.647  1.00 36.81 ? 33  LEU A C   1 
ATOM   239 O O   . LEU A 1 35 ? -10.317 7.182   -3.614  1.00 38.94 ? 33  LEU A O   1 
ATOM   240 C CB  . LEU A 1 35 ? -7.543  6.673   -2.519  1.00 36.46 ? 33  LEU A CB  1 
ATOM   241 C CG  . LEU A 1 35 ? -6.034  6.740   -2.719  1.00 34.97 ? 33  LEU A CG  1 
ATOM   242 C CD1 . LEU A 1 35 ? -5.443  5.344   -2.737  1.00 38.18 ? 33  LEU A CD1 1 
ATOM   243 C CD2 . LEU A 1 35 ? -5.698  7.480   -4.002  1.00 37.47 ? 33  LEU A CD2 1 
ATOM   244 N N   . GLY A 1 36 ? -10.454 8.116   -1.558  1.00 35.37 ? 34  GLY A N   1 
ATOM   245 C CA  . GLY A 1 36 ? -11.862 7.807   -1.450  1.00 32.84 ? 34  GLY A CA  1 
ATOM   246 C C   . GLY A 1 36 ? -12.143 6.345   -1.211  1.00 38.02 ? 34  GLY A C   1 
ATOM   247 O O   . GLY A 1 36 ? -13.187 5.842   -1.636  1.00 36.82 ? 34  GLY A O   1 
ATOM   248 N N   . VAL A 1 37 ? -11.239 5.638   -0.538  1.00 34.30 ? 35  VAL A N   1 
ATOM   249 C CA  . VAL A 1 37 ? -11.428 4.225   -0.259  1.00 32.62 ? 35  VAL A CA  1 
ATOM   250 C C   . VAL A 1 37 ? -11.649 4.024   1.233   1.00 31.92 ? 35  VAL A C   1 
ATOM   251 O O   . VAL A 1 37 ? -11.327 4.880   2.066   1.00 31.75 ? 35  VAL A O   1 
ATOM   252 C CB  . VAL A 1 37 ? -10.243 3.364   -0.749  1.00 31.06 ? 35  VAL A CB  1 
ATOM   253 C CG1 . VAL A 1 37 ? -10.117 3.456   -2.259  1.00 35.38 ? 35  VAL A CG1 1 
ATOM   254 C CG2 . VAL A 1 37 ? -8.955  3.799   -0.067  1.00 33.45 ? 35  VAL A CG2 1 
ATOM   255 N N   . SER A 1 38 ? -12.204 2.864   1.560   1.00 30.06 ? 36  SER A N   1 
ATOM   256 C CA  . SER A 1 38 ? -12.387 2.406   2.925   1.00 34.22 ? 36  SER A CA  1 
ATOM   257 C C   . SER A 1 38 ? -11.540 1.165   3.140   1.00 29.98 ? 36  SER A C   1 
ATOM   258 O O   . SER A 1 38 ? -11.083 0.527   2.187   1.00 28.39 ? 36  SER A O   1 
ATOM   259 C CB  . SER A 1 38 ? -13.855 2.074   3.228   1.00 39.02 ? 36  SER A CB  1 
ATOM   260 O OG  . SER A 1 38 ? -14.688 3.189   2.975   1.00 41.61 ? 36  SER A OG  1 
ATOM   261 N N   . VAL A 1 39 ? -11.332 0.841   4.418   1.00 27.86 ? 37  VAL A N   1 
ATOM   262 C CA  . VAL A 1 39 ? -10.682 -0.410  4.764   1.00 25.54 ? 37  VAL A CA  1 
ATOM   263 C C   . VAL A 1 39 ? -11.436 -1.552  4.110   1.00 31.88 ? 37  VAL A C   1 
ATOM   264 O O   . VAL A 1 39 ? -12.671 -1.604  4.142   1.00 29.58 ? 37  VAL A O   1 
ATOM   265 C CB  . VAL A 1 39 ? -10.617 -0.573  6.293   1.00 26.97 ? 37  VAL A CB  1 
ATOM   266 C CG1 . VAL A 1 39 ? -10.251 -1.994  6.661   1.00 28.55 ? 37  VAL A CG1 1 
ATOM   267 C CG2 . VAL A 1 39 ? -9.611  0.419   6.876   1.00 28.26 ? 37  VAL A CG2 1 
ATOM   268 N N   . GLY A 1 40 ? -10.689 -2.454  3.477   1.00 28.25 ? 38  GLY A N   1 
ATOM   269 C CA  . GLY A 1 40 ? -11.268 -3.568  2.769   1.00 31.67 ? 38  GLY A CA  1 
ATOM   270 C C   . GLY A 1 40 ? -11.498 -3.336  1.292   1.00 30.28 ? 38  GLY A C   1 
ATOM   271 O O   . GLY A 1 40 ? -11.760 -4.298  0.566   1.00 33.85 ? 38  GLY A O   1 
ATOM   272 N N   . ASP A 1 41 ? -11.412 -2.095  0.821   1.00 26.12 ? 39  ASP A N   1 
ATOM   273 C CA  . ASP A 1 41 ? -11.500 -1.833  -0.607  1.00 28.07 ? 39  ASP A CA  1 
ATOM   274 C C   . ASP A 1 41 ? -10.222 -2.271  -1.314  1.00 30.65 ? 39  ASP A C   1 
ATOM   275 O O   . ASP A 1 41 ? -9.156  -2.424  -0.705  1.00 27.90 ? 39  ASP A O   1 
ATOM   276 C CB  . ASP A 1 41 ? -11.733 -0.348  -0.888  1.00 27.04 ? 39  ASP A CB  1 
ATOM   277 C CG  . ASP A 1 41 ? -13.119 0.128   -0.474  1.00 33.37 ? 39  ASP A CG  1 
ATOM   278 O OD1 . ASP A 1 41 ? -13.979 -0.712  -0.138  1.00 35.69 ? 39  ASP A OD1 1 
ATOM   279 O OD2 . ASP A 1 41 ? -13.340 1.356   -0.476  1.00 34.17 ? 39  ASP A OD2 1 
ATOM   280 N N   . TYR A 1 42 ? -10.331 -2.459  -2.622  1.00 27.60 ? 40  TYR A N   1 
ATOM   281 C CA  . TYR A 1 42 ? -9.168  -2.759  -3.438  1.00 27.41 ? 40  TYR A CA  1 
ATOM   282 C C   . TYR A 1 42 ? -8.557  -1.480  -3.984  1.00 30.83 ? 40  TYR A C   1 
ATOM   283 O O   . TYR A 1 42 ? -9.269  -0.535  -4.343  1.00 32.57 ? 40  TYR A O   1 
ATOM   284 C CB  . TYR A 1 42 ? -9.535  -3.672  -4.610  1.00 28.69 ? 40  TYR A CB  1 
ATOM   285 C CG  . TYR A 1 42 ? -9.932  -5.060  -4.215  1.00 31.89 ? 40  TYR A CG  1 
ATOM   286 C CD1 . TYR A 1 42 ? -9.021  -5.921  -3.630  1.00 29.23 ? 40  TYR A CD1 1 
ATOM   287 C CD2 . TYR A 1 42 ? -11.217 -5.519  -4.460  1.00 35.83 ? 40  TYR A CD2 1 
ATOM   288 C CE1 . TYR A 1 42 ? -9.385  -7.208  -3.274  1.00 34.56 ? 40  TYR A CE1 1 
ATOM   289 C CE2 . TYR A 1 42 ? -11.583 -6.792  -4.125  1.00 37.16 ? 40  TYR A CE2 1 
ATOM   290 C CZ  . TYR A 1 42 ? -10.669 -7.635  -3.533  1.00 37.48 ? 40  TYR A CZ  1 
ATOM   291 O OH  . TYR A 1 42 ? -11.050 -8.912  -3.198  1.00 44.46 ? 40  TYR A OH  1 
ATOM   292 N N   . VAL A 1 43 ? -7.226  -1.466  -4.054  1.00 28.76 ? 41  VAL A N   1 
ATOM   293 C CA  . VAL A 1 43 ? -6.476  -0.410  -4.717  1.00 29.62 ? 41  VAL A CA  1 
ATOM   294 C C   . VAL A 1 43 ? -5.477  -1.026  -5.683  1.00 30.27 ? 41  VAL A C   1 
ATOM   295 O O   . VAL A 1 43 ? -5.019  -2.161  -5.501  1.00 27.73 ? 41  VAL A O   1 
ATOM   296 C CB  . VAL A 1 43 ? -5.728  0.511   -3.722  1.00 28.25 ? 41  VAL A CB  1 
ATOM   297 C CG1 . VAL A 1 43 ? -6.719  1.381   -2.936  1.00 31.15 ? 41  VAL A CG1 1 
ATOM   298 C CG2 . VAL A 1 43 ? -4.821  -0.317  -2.805  1.00 26.57 ? 41  VAL A CG2 1 
ATOM   299 N N   . GLU A 1 44 ? -5.129  -0.258  -6.708  1.00 30.00 ? 42  GLU A N   1 
ATOM   300 C CA  . GLU A 1 44 ? -4.060  -0.604  -7.632  1.00 31.72 ? 42  GLU A CA  1 
ATOM   301 C C   . GLU A 1 44 ? -2.797  0.118   -7.183  1.00 32.01 ? 42  GLU A C   1 
ATOM   302 O O   . GLU A 1 44 ? -2.811  1.340   -6.999  1.00 33.54 ? 42  GLU A O   1 
ATOM   303 C CB  . GLU A 1 44 ? -4.424  -0.223  -9.069  1.00 30.31 ? 42  GLU A CB  1 
ATOM   304 C CG  . GLU A 1 44 ? -3.369  -0.582  -10.102 1.00 35.89 ? 42  GLU A CG  1 
ATOM   305 C CD  . GLU A 1 44 ? -3.687  -0.016  -11.481 1.00 40.86 ? 42  GLU A CD  1 
ATOM   306 O OE1 . GLU A 1 44 ? -4.114  1.154   -11.569 1.00 46.81 ? 42  GLU A OE1 1 
ATOM   307 O OE2 . GLU A 1 44 ? -3.522  -0.746  -12.481 1.00 45.78 ? 42  GLU A OE2 1 
ATOM   308 N N   . VAL A 1 45 ? -1.722  -0.638  -6.996  1.00 29.24 ? 43  VAL A N   1 
ATOM   309 C CA  . VAL A 1 45 ? -0.406  -0.109  -6.665  1.00 30.27 ? 43  VAL A CA  1 
ATOM   310 C C   . VAL A 1 45 ? 0.477   -0.221  -7.894  1.00 33.10 ? 43  VAL A C   1 
ATOM   311 O O   . VAL A 1 45 ? 0.528   -1.271  -8.547  1.00 33.74 ? 43  VAL A O   1 
ATOM   312 C CB  . VAL A 1 45 ? 0.210   -0.855  -5.466  1.00 28.35 ? 43  VAL A CB  1 
ATOM   313 C CG1 . VAL A 1 45 ? 1.546   -0.231  -5.087  1.00 28.76 ? 43  VAL A CG1 1 
ATOM   314 C CG2 . VAL A 1 45 ? -0.754  -0.840  -4.290  1.00 29.40 ? 43  VAL A CG2 1 
ATOM   315 N N   . LYS A 1 46 ? 1.187   0.856   -8.210  1.00 30.71 ? 44  LYS A N   1 
ATOM   316 C CA  . LYS A 1 46 ? 1.839   0.940   -9.504  1.00 33.91 ? 44  LYS A CA  1 
ATOM   317 C C   . LYS A 1 46 ? 3.191   1.623   -9.382  1.00 35.73 ? 44  LYS A C   1 
ATOM   318 O O   . LYS A 1 46 ? 3.340   2.615   -8.661  1.00 34.16 ? 44  LYS A O   1 
ATOM   319 C CB  . LYS A 1 46 ? 0.939   1.691   -10.494 1.00 38.11 ? 44  LYS A CB  1 
ATOM   320 C CG  . LYS A 1 46 ? 1.416   1.702   -11.932 1.00 42.69 ? 44  LYS A CG  1 
ATOM   321 C CD  . LYS A 1 46 ? 0.275   2.162   -12.813 1.00 48.22 ? 44  LYS A CD  1 
ATOM   322 C CE  . LYS A 1 46 ? 0.757   2.797   -14.103 1.00 53.97 ? 44  LYS A CE  1 
ATOM   323 N NZ  . LYS A 1 46 ? -0.417  3.146   -14.951 1.00 56.67 ? 44  LYS A NZ  1 
ATOM   324 N N   . LYS A 1 47 ? 4.181   1.048   -10.065 1.00 37.39 ? 45  LYS A N   1 
ATOM   325 C CA  . LYS A 1 47 ? 5.423   1.743   -10.388 1.00 38.73 ? 45  LYS A CA  1 
ATOM   326 C C   . LYS A 1 47 ? 5.512   1.869   -11.902 1.00 45.26 ? 45  LYS A C   1 
ATOM   327 O O   . LYS A 1 47 ? 5.181   2.924   -12.446 1.00 43.69 ? 45  LYS A O   1 
ATOM   328 C CB  . LYS A 1 47 ? 6.632   1.007   -9.804  1.00 42.03 ? 45  LYS A CB  1 
ATOM   329 C CG  . LYS A 1 47 ? 7.979   1.690   -10.027 1.00 41.12 ? 45  LYS A CG  1 
ATOM   330 C CD  . LYS A 1 47 ? 8.232   2.774   -8.987  1.00 44.63 ? 45  LYS A CD  1 
ATOM   331 C CE  . LYS A 1 47 ? 9.720   2.917   -8.672  1.00 47.18 ? 45  LYS A CE  1 
ATOM   332 N NZ  . LYS A 1 47 ? 9.977   3.812   -7.501  1.00 44.03 ? 45  LYS A NZ  1 
ATOM   333 N N   . VAL A 1 48 ? 5.926   0.815   -12.596 1.00 42.86 ? 46  VAL A N   1 
ATOM   334 C CA  . VAL A 1 48 ? 5.649   0.636   -14.015 1.00 47.48 ? 46  VAL A CA  1 
ATOM   335 C C   . VAL A 1 48 ? 4.599   -0.450  -14.225 1.00 43.03 ? 46  VAL A C   1 
ATOM   336 O O   . VAL A 1 48 ? 3.557   -0.215  -14.837 1.00 43.61 ? 46  VAL A O   1 
ATOM   337 C CB  . VAL A 1 48 ? 6.944   0.320   -14.796 1.00 46.12 ? 46  VAL A CB  1 
ATOM   338 C CG1 . VAL A 1 48 ? 6.666   0.249   -16.284 1.00 46.78 ? 46  VAL A CG1 1 
ATOM   339 C CG2 . VAL A 1 48 ? 8.010   1.362   -14.501 1.00 46.56 ? 46  VAL A CG2 1 
ATOM   340 N N   . LYS A 1 49 ? 4.851   -1.645  -13.691 1.00 42.88 ? 47  LYS A N   1 
ATOM   341 C CA  . LYS A 1 49 ? 3.825   -2.669  -13.602 1.00 41.87 ? 47  LYS A CA  1 
ATOM   342 C C   . LYS A 1 49 ? 2.813   -2.301  -12.512 1.00 40.77 ? 47  LYS A C   1 
ATOM   343 O O   . LYS A 1 49 ? 2.967   -1.313  -11.790 1.00 38.68 ? 47  LYS A O   1 
ATOM   344 C CB  . LYS A 1 49 ? 4.468   -4.023  -13.331 1.00 42.09 ? 47  LYS A CB  1 
ATOM   345 C CG  . LYS A 1 49 ? 5.371   -4.512  -14.463 1.00 45.90 ? 47  LYS A CG  1 
ATOM   346 C CD  . LYS A 1 49 ? 6.352   -5.579  -13.984 1.00 48.24 ? 47  LYS A CD  1 
ATOM   347 C CE  . LYS A 1 49 ? 7.612   -4.949  -13.377 1.00 48.97 ? 47  LYS A CE  1 
ATOM   348 N NZ  . LYS A 1 49 ? 8.624   -5.972  -12.969 1.00 52.78 ? 47  LYS A NZ  1 
ATOM   349 N N   . SER A 1 50 ? 1.758   -3.108  -12.398 1.00 38.31 ? 48  SER A N   1 
ATOM   350 C CA  . SER A 1 50 ? 0.682   -2.844  -11.451 1.00 37.58 ? 48  SER A CA  1 
ATOM   351 C C   . SER A 1 50 ? 0.315   -4.110  -10.692 1.00 38.31 ? 48  SER A C   1 
ATOM   352 O O   . SER A 1 50 ? 0.410   -5.216  -11.230 1.00 37.78 ? 48  SER A O   1 
ATOM   353 C CB  . SER A 1 50 ? -0.567  -2.303  -12.153 1.00 37.28 ? 48  SER A CB  1 
ATOM   354 O OG  . SER A 1 50 ? -0.462  -0.908  -12.380 1.00 43.21 ? 48  SER A OG  1 
ATOM   355 N N   . VAL A 1 51 ? -0.100  -3.943  -9.434  1.00 33.54 ? 49  VAL A N   1 
ATOM   356 C CA  . VAL A 1 51 ? -0.669  -5.022  -8.635  1.00 33.17 ? 49  VAL A CA  1 
ATOM   357 C C   . VAL A 1 51 ? -1.871  -4.469  -7.890  1.00 33.64 ? 49  VAL A C   1 
ATOM   358 O O   . VAL A 1 51 ? -1.896  -3.297  -7.505  1.00 32.77 ? 49  VAL A O   1 
ATOM   359 C CB  . VAL A 1 51 ? 0.332   -5.619  -7.618  1.00 33.02 ? 49  VAL A CB  1 
ATOM   360 C CG1 . VAL A 1 51 ? -0.142  -6.988  -7.152  1.00 33.41 ? 49  VAL A CG1 1 
ATOM   361 C CG2 . VAL A 1 51 ? 1.705   -5.700  -8.204  1.00 41.41 ? 49  VAL A CG2 1 
ATOM   362 N N   . VAL A 1 52 ? -2.858  -5.317  -7.668  1.00 27.18 ? 50  VAL A N   1 
ATOM   363 C CA  . VAL A 1 52 ? -4.009  -4.962  -6.854  1.00 29.02 ? 50  VAL A CA  1 
ATOM   364 C C   . VAL A 1 52 ? -3.864  -5.598  -5.475  1.00 28.88 ? 50  VAL A C   1 
ATOM   365 O O   . VAL A 1 52 ? -3.461  -6.761  -5.339  1.00 30.47 ? 50  VAL A O   1 
ATOM   366 C CB  . VAL A 1 52 ? -5.327  -5.378  -7.534  1.00 29.68 ? 50  VAL A CB  1 
ATOM   367 C CG1 . VAL A 1 52 ? -6.492  -5.246  -6.581  1.00 29.99 ? 50  VAL A CG1 1 
ATOM   368 C CG2 . VAL A 1 52 ? -5.557  -4.505  -8.767  1.00 30.79 ? 50  VAL A CG2 1 
ATOM   369 N N   . ALA A 1 53 ? -4.221  -4.830  -4.448  1.00 27.82 ? 51  ALA A N   1 
ATOM   370 C CA  . ALA A 1 53 ? -4.155  -5.331  -3.058  1.00 26.91 ? 51  ALA A CA  1 
ATOM   371 C C   . ALA A 1 53 ? -5.354  -4.791  -2.282  1.00 23.93 ? 51  ALA A C   1 
ATOM   372 O O   . ALA A 1 53 ? -5.954  -3.815  -2.735  1.00 25.66 ? 51  ALA A O   1 
ATOM   373 C CB  . ALA A 1 53 ? -2.856  -4.915  -2.422  1.00 25.39 ? 51  ALA A CB  1 
ATOM   374 N N   . ARG A 1 54 ? -5.685  -5.427  -1.163  1.00 24.90 ? 52  ARG A N   1 
ATOM   375 C CA  . ARG A 1 54 ? -6.816  -4.958  -0.330  1.00 24.55 ? 52  ARG A CA  1 
ATOM   376 C C   . ARG A 1 54 ? -6.262  -3.965  0.692   1.00 21.40 ? 52  ARG A C   1 
ATOM   377 O O   . ARG A 1 54 ? -5.247  -4.273  1.319   1.00 22.53 ? 52  ARG A O   1 
ATOM   378 C CB  . ARG A 1 54 ? -7.511  -6.131  0.361   1.00 30.51 ? 52  ARG A CB  1 
ATOM   379 C CG  . ARG A 1 54 ? -8.837  -5.756  1.000   1.00 32.67 ? 52  ARG A CG  1 
ATOM   380 C CD  . ARG A 1 54 ? -9.478  -6.913  1.731   1.00 40.30 ? 52  ARG A CD  1 
ATOM   381 N NE  . ARG A 1 54 ? -9.965  -7.916  0.802   1.00 42.26 ? 52  ARG A NE  1 
ATOM   382 C CZ  . ARG A 1 54 ? -11.196 -7.959  0.314   1.00 46.44 ? 52  ARG A CZ  1 
ATOM   383 N NH1 . ARG A 1 54 ? -12.081 -7.043  0.662   1.00 45.11 ? 52  ARG A NH1 1 
ATOM   384 N NH2 . ARG A 1 54 ? -11.541 -8.921  -0.520  1.00 45.16 ? 52  ARG A NH2 1 
ATOM   385 N N   . VAL A 1 55 ? -6.909  -2.810  0.820   1.00 22.67 ? 53  VAL A N   1 
ATOM   386 C CA  . VAL A 1 55 ? -6.431  -1.786  1.786   1.00 22.98 ? 53  VAL A CA  1 
ATOM   387 C C   . VAL A 1 55 ? -6.759  -2.255  3.202   1.00 24.24 ? 53  VAL A C   1 
ATOM   388 O O   . VAL A 1 55 ? -7.885  -2.702  3.436   1.00 23.85 ? 53  VAL A O   1 
ATOM   389 C CB  . VAL A 1 55 ? -7.047  -0.406  1.500   1.00 27.71 ? 53  VAL A CB  1 
ATOM   390 C CG1 . VAL A 1 55 ? -6.597  0.618   2.526   1.00 30.78 ? 53  VAL A CG1 1 
ATOM   391 C CG2 . VAL A 1 55 ? -6.725  0.072   0.096   1.00 30.24 ? 53  VAL A CG2 1 
ATOM   392 N N   . ALA A 1 56 ? -5.774  -2.166  4.089   1.00 21.12 ? 54  ALA A N   1 
ATOM   393 C CA  . ALA A 1 56 ? -5.961  -2.509  5.511   1.00 21.16 ? 54  ALA A CA  1 
ATOM   394 C C   . ALA A 1 56 ? -5.552  -1.291  6.342   1.00 20.91 ? 54  ALA A C   1 
ATOM   395 O O   . ALA A 1 56 ? -4.798  -0.455  5.838   1.00 20.60 ? 54  ALA A O   1 
ATOM   396 C CB  . ALA A 1 56 ? -5.159  -3.729  5.877   1.00 24.24 ? 54  ALA A CB  1 
ATOM   397 N N   . GLU A 1 57 ? -6.029  -1.224  7.579   1.00 21.16 ? 55  GLU A N   1 
ATOM   398 C CA  . GLU A 1 57 ? -5.718  -0.069  8.454   1.00 21.90 ? 55  GLU A CA  1 
ATOM   399 C C   . GLU A 1 57 ? -4.226  -0.038  8.796   1.00 19.51 ? 55  GLU A C   1 
ATOM   400 O O   . GLU A 1 57 ? -3.604  -1.090  8.888   1.00 20.22 ? 55  GLU A O   1 
ATOM   401 C CB  . GLU A 1 57 ? -6.551  -0.132  9.733   1.00 22.65 ? 55  GLU A CB  1 
ATOM   402 C CG  . GLU A 1 57 ? -6.330  1.059   10.643  1.00 21.62 ? 55  GLU A CG  1 
ATOM   403 C CD  . GLU A 1 57 ? -6.690  2.388   10.009  1.00 25.36 ? 55  GLU A CD  1 
ATOM   404 O OE1 . GLU A 1 57 ? -7.858  2.776   10.105  1.00 25.02 ? 55  GLU A OE1 1 
ATOM   405 O OE2 . GLU A 1 57 ? -5.802  3.020   9.416   1.00 23.62 ? 55  GLU A OE2 1 
ATOM   406 N N   . ALA A 1 58 ? -3.702  1.164   8.995   1.00 18.75 ? 56  ALA A N   1 
ATOM   407 C CA  . ALA A 1 58 ? -2.312  1.337   9.388   1.00 19.48 ? 56  ALA A CA  1 
ATOM   408 C C   . ALA A 1 58 ? -2.070  1.010   10.861  1.00 20.56 ? 56  ALA A C   1 
ATOM   409 O O   . ALA A 1 58 ? -2.950  1.162   11.711  1.00 22.58 ? 56  ALA A O   1 
ATOM   410 C CB  . ALA A 1 58 ? -1.887  2.783   9.128   1.00 20.10 ? 56  ALA A CB  1 
ATOM   411 N N   . TYR A 1 59 ? -0.843  0.590   11.163  1.00 20.23 ? 57  TYR A N   1 
ATOM   412 C CA  . TYR A 1 59 ? -0.411  0.554   12.551  1.00 20.20 ? 57  TYR A CA  1 
ATOM   413 C C   . TYR A 1 59 ? -0.302  1.974   13.102  1.00 26.20 ? 57  TYR A C   1 
ATOM   414 O O   . TYR A 1 59 ? 0.062   2.901   12.370  1.00 23.00 ? 57  TYR A O   1 
ATOM   415 C CB  . TYR A 1 59 ? 0.930   -0.175  12.681  1.00 21.38 ? 57  TYR A CB  1 
ATOM   416 C CG  . TYR A 1 59 ? 0.737   -1.656  12.847  1.00 22.50 ? 57  TYR A CG  1 
ATOM   417 C CD1 . TYR A 1 59 ? 1.046   -2.295  14.040  1.00 21.25 ? 57  TYR A CD1 1 
ATOM   418 C CD2 . TYR A 1 59 ? 0.179   -2.405  11.824  1.00 20.68 ? 57  TYR A CD2 1 
ATOM   419 C CE1 . TYR A 1 59 ? 0.826   -3.660  14.194  1.00 20.39 ? 57  TYR A CE1 1 
ATOM   420 C CE2 . TYR A 1 59 ? -0.049  -3.755  11.969  1.00 22.30 ? 57  TYR A CE2 1 
ATOM   421 C CZ  . TYR A 1 59 ? 0.273   -4.381  13.144  1.00 21.35 ? 57  TYR A CZ  1 
ATOM   422 O OH  . TYR A 1 59 ? 0.024   -5.732  13.249  1.00 22.54 ? 57  TYR A OH  1 
ATOM   423 N N   . PRO A 1 60 ? -0.614  2.167   14.384  1.00 25.98 ? 58  PRO A N   1 
ATOM   424 C CA  . PRO A 1 60 ? -0.569  3.520   14.980  1.00 28.41 ? 58  PRO A CA  1 
ATOM   425 C C   . PRO A 1 60 ? 0.712   4.299   14.705  1.00 28.36 ? 58  PRO A C   1 
ATOM   426 O O   . PRO A 1 60 ? 0.640   5.486   14.355  1.00 29.70 ? 58  PRO A O   1 
ATOM   427 C CB  . PRO A 1 60 ? -0.730  3.231   16.482  1.00 31.03 ? 58  PRO A CB  1 
ATOM   428 C CG  . PRO A 1 60 ? -1.438  1.916   16.562  1.00 25.66 ? 58  PRO A CG  1 
ATOM   429 C CD  . PRO A 1 60 ? -1.110  1.138   15.314  1.00 25.00 ? 58  PRO A CD  1 
ATOM   430 N N   . GLU A 1 61 ? 1.872   3.658   14.850  1.00 27.21 ? 59  GLU A N   1 
ATOM   431 C CA  . GLU A 1 61 ? 3.182   4.337   14.647  1.00 32.43 ? 59  GLU A CA  1 
ATOM   432 C C   . GLU A 1 61 ? 3.343   4.806   13.198  1.00 32.06 ? 59  GLU A C   1 
ATOM   433 O O   . GLU A 1 61 ? 4.148   5.709   12.961  1.00 30.89 ? 59  GLU A O   1 
ATOM   434 C CB  . GLU A 1 61 ? 4.333   3.385   14.967  1.00 35.38 ? 59  GLU A CB  1 
ATOM   435 C CG  . GLU A 1 61 ? 5.172   3.813   16.156  1.00 47.14 ? 59  GLU A CG  1 
ATOM   436 C CD  . GLU A 1 61 ? 6.160   4.937   15.887  1.00 49.33 ? 59  GLU A CD  1 
ATOM   437 O OE1 . GLU A 1 61 ? 7.028   4.768   15.011  1.00 53.23 ? 59  GLU A OE1 1 
ATOM   438 O OE2 . GLU A 1 61 ? 6.052   5.980   16.555  1.00 52.13 ? 59  GLU A OE2 1 
ATOM   439 N N   . ASP A 1 62 ? 2.622   4.191   12.266  1.00 23.91 ? 60  ASP A N   1 
ATOM   440 C CA  . ASP A 1 62 ? 2.762   4.562   10.868  1.00 22.81 ? 60  ASP A CA  1 
ATOM   441 C C   . ASP A 1 62 ? 1.814   5.666   10.434  1.00 25.83 ? 60  ASP A C   1 
ATOM   442 O O   . ASP A 1 62 ? 1.960   6.169   9.314   1.00 25.71 ? 60  ASP A O   1 
ATOM   443 C CB  . ASP A 1 62 ? 2.531   3.349   9.959   1.00 22.79 ? 60  ASP A CB  1 
ATOM   444 C CG  . ASP A 1 62 ? 3.560   2.270   10.168  1.00 25.56 ? 60  ASP A CG  1 
ATOM   445 O OD1 . ASP A 1 62 ? 3.220   1.081   9.990   1.00 22.46 ? 60  ASP A OD1 1 
ATOM   446 O OD2 . ASP A 1 62 ? 4.710   2.611   10.511  1.00 25.75 ? 60  ASP A OD2 1 
ATOM   447 N N   . VAL A 1 63 ? 0.830   6.020   11.264  1.00 24.46 ? 61  VAL A N   1 
ATOM   448 C CA  . VAL A 1 63 ? -0.157  7.013   10.851  1.00 27.43 ? 61  VAL A CA  1 
ATOM   449 C C   . VAL A 1 63 ? 0.541   8.341   10.620  1.00 26.77 ? 61  VAL A C   1 
ATOM   450 O O   . VAL A 1 63 ? 1.319   8.816   11.463  1.00 29.67 ? 61  VAL A O   1 
ATOM   451 C CB  . VAL A 1 63 ? -1.288  7.127   11.886  1.00 29.26 ? 61  VAL A CB  1 
ATOM   452 C CG1 . VAL A 1 63 ? -2.275  8.241   11.488  1.00 30.29 ? 61  VAL A CG1 1 
ATOM   453 C CG2 . VAL A 1 63 ? -2.030  5.800   12.004  1.00 27.18 ? 61  VAL A CG2 1 
ATOM   454 N N   . GLY A 1 64 ? 0.277   8.938   9.461   1.00 28.29 ? 62  GLY A N   1 
ATOM   455 C CA  . GLY A 1 64 ? 0.847   10.212  9.080   1.00 30.34 ? 62  GLY A CA  1 
ATOM   456 C C   . GLY A 1 64 ? 2.142   10.155  8.303   1.00 32.15 ? 62  GLY A C   1 
ATOM   457 O O   . GLY A 1 64 ? 2.695   11.217  8.000   1.00 36.60 ? 62  GLY A O   1 
ATOM   458 N N   . LYS A 1 65 ? 2.630   8.967   7.936   1.00 29.48 ? 63  LYS A N   1 
ATOM   459 C CA  . LYS A 1 65 ? 3.950   8.849   7.329   1.00 32.83 ? 63  LYS A CA  1 
ATOM   460 C C   . LYS A 1 65 ? 3.945   8.657   5.815   1.00 31.91 ? 63  LYS A C   1 
ATOM   461 O O   . LYS A 1 65 ? 5.023   8.588   5.215   1.00 33.36 ? 63  LYS A O   1 
ATOM   462 C CB  . LYS A 1 65 ? 4.712   7.702   7.992   1.00 33.89 ? 63  LYS A CB  1 
ATOM   463 C CG  . LYS A 1 65 ? 5.143   8.042   9.402   1.00 32.60 ? 63  LYS A CG  1 
ATOM   464 C CD  . LYS A 1 65 ? 5.951   6.935   10.046  1.00 34.60 ? 63  LYS A CD  1 
ATOM   465 C CE  . LYS A 1 65 ? 6.427   7.373   11.430  1.00 38.76 ? 63  LYS A CE  1 
ATOM   466 N NZ  . LYS A 1 65 ? 7.138   6.291   12.158  1.00 41.85 ? 63  LYS A NZ  1 
ATOM   467 N N   . ARG A 1 66 ? 2.776   8.567   5.187   1.00 29.04 ? 64  ARG A N   1 
ATOM   468 C CA  . ARG A 1 66 ? 2.660   8.348   3.742   1.00 27.70 ? 64  ARG A CA  1 
ATOM   469 C C   . ARG A 1 66 ? 3.473   7.139   3.291   1.00 28.46 ? 64  ARG A C   1 
ATOM   470 O O   . ARG A 1 66 ? 4.204   7.174   2.293   1.00 28.10 ? 64  ARG A O   1 
ATOM   471 C CB  . ARG A 1 66 ? 3.058   9.602   2.971   1.00 27.87 ? 64  ARG A CB  1 
ATOM   472 C CG  . ARG A 1 66 ? 2.278   10.807  3.450   1.00 31.47 ? 64  ARG A CG  1 
ATOM   473 C CD  . ARG A 1 66 ? 2.514   12.006  2.573   1.00 35.38 ? 64  ARG A CD  1 
ATOM   474 N NE  . ARG A 1 66 ? 1.850   13.167  3.138   1.00 36.40 ? 64  ARG A NE  1 
ATOM   475 C CZ  . ARG A 1 66 ? 1.758   14.337  2.519   1.00 35.63 ? 64  ARG A CZ  1 
ATOM   476 N NH1 . ARG A 1 66 ? 2.279   14.487  1.304   1.00 31.19 ? 64  ARG A NH1 1 
ATOM   477 N NH2 . ARG A 1 66 ? 1.133   15.345  3.110   1.00 34.20 ? 64  ARG A NH2 1 
ATOM   478 N N   . ILE A 1 67 ? 3.346   6.047   4.033   1.00 25.89 ? 65  ILE A N   1 
ATOM   479 C CA  . ILE A 1 67 ? 3.968   4.801   3.633   1.00 25.97 ? 65  ILE A CA  1 
ATOM   480 C C   . ILE A 1 67 ? 2.862   3.834   3.254   1.00 25.82 ? 65  ILE A C   1 
ATOM   481 O O   . ILE A 1 67 ? 1.697   4.013   3.615   1.00 25.34 ? 65  ILE A O   1 
ATOM   482 C CB  . ILE A 1 67 ? 4.857   4.194   4.728   1.00 30.11 ? 65  ILE A CB  1 
ATOM   483 C CG1 . ILE A 1 67 ? 4.018   3.857   5.955   1.00 29.10 ? 65  ILE A CG1 1 
ATOM   484 C CG2 . ILE A 1 67 ? 5.999   5.134   5.083   1.00 30.87 ? 65  ILE A CG2 1 
ATOM   485 C CD1 . ILE A 1 67 ? 4.765   3.037   6.979   1.00 30.74 ? 65  ILE A CD1 1 
ATOM   486 N N   . VAL A 1 68 ? 3.236   2.801   2.512   1.00 23.24 ? 66  VAL A N   1 
ATOM   487 C CA  . VAL A 1 68 ? 2.358   1.672   2.253   1.00 21.36 ? 66  VAL A CA  1 
ATOM   488 C C   . VAL A 1 68 ? 3.117   0.422   2.697   1.00 21.58 ? 66  VAL A C   1 
ATOM   489 O O   . VAL A 1 68 ? 4.233   0.158   2.227   1.00 23.63 ? 66  VAL A O   1 
ATOM   490 C CB  . VAL A 1 68 ? 1.904   1.614   0.780   1.00 24.59 ? 66  VAL A CB  1 
ATOM   491 C CG1 . VAL A 1 68 ? 3.085   1.568   -0.201  1.00 24.51 ? 66  VAL A CG1 1 
ATOM   492 C CG2 . VAL A 1 68 ? 0.952   0.470   0.570   1.00 24.72 ? 66  VAL A CG2 1 
ATOM   493 N N   . ARG A 1 69 ? 2.540   -0.317  3.639   1.00 18.58 ? 67  ARG A N   1 
ATOM   494 C CA  . ARG A 1 69 ? 3.141   -1.574  4.067   1.00 19.95 ? 67  ARG A CA  1 
ATOM   495 C C   . ARG A 1 69 ? 2.764   -2.644  3.054   1.00 19.85 ? 67  ARG A C   1 
ATOM   496 O O   . ARG A 1 69 ? 1.574   -2.935  2.872   1.00 20.57 ? 67  ARG A O   1 
ATOM   497 C CB  . ARG A 1 69 ? 2.662   -1.949  5.472   1.00 18.37 ? 67  ARG A CB  1 
ATOM   498 C CG  . ARG A 1 69 ? 3.086   -0.956  6.572   1.00 20.54 ? 67  ARG A CG  1 
ATOM   499 C CD  . ARG A 1 69 ? 4.473   -1.281  7.056   1.00 20.56 ? 67  ARG A CD  1 
ATOM   500 N NE  . ARG A 1 69 ? 4.973   -0.286  8.016   1.00 23.47 ? 67  ARG A NE  1 
ATOM   501 C CZ  . ARG A 1 69 ? 6.217   -0.252  8.477   1.00 24.45 ? 67  ARG A CZ  1 
ATOM   502 N NH1 . ARG A 1 69 ? 7.104   -1.163  8.088   1.00 24.07 ? 67  ARG A NH1 1 
ATOM   503 N NH2 . ARG A 1 69 ? 6.572   0.691   9.345   1.00 23.20 ? 67  ARG A NH2 1 
ATOM   504 N N   . MET A 1 70 ? 3.765   -3.110  2.306   1.00 19.95 ? 68  MET A N   1 
ATOM   505 C CA  . MET A 1 70 ? 3.563   -4.085  1.201   1.00 22.41 ? 68  MET A CA  1 
ATOM   506 C C   . MET A 1 70 ? 4.600   -5.199  1.340   1.00 23.11 ? 68  MET A C   1 
ATOM   507 O O   . MET A 1 70 ? 5.763   -4.878  1.562   1.00 23.18 ? 68  MET A O   1 
ATOM   508 C CB  . MET A 1 70 ? 3.747   -3.384  -0.147  1.00 25.28 ? 68  MET A CB  1 
ATOM   509 C CG  . MET A 1 70 ? 3.031   -4.052  -1.292  1.00 27.47 ? 68  MET A CG  1 
ATOM   510 S SD  . MET A 1 70 ? 2.857   -2.901  -2.676  1.00 36.32 ? 68  MET A SD  1 
ATOM   511 C CE  . MET A 1 70 ? 4.579   -2.510  -2.956  1.00 32.00 ? 68  MET A CE  1 
ATOM   512 N N   . ASP A 1 71 ? 4.190   -6.449  1.140   1.00 20.88 ? 69  ASP A N   1 
ATOM   513 C CA  . ASP A 1 71 ? 5.105   -7.552  1.400   1.00 22.70 ? 69  ASP A CA  1 
ATOM   514 C C   . ASP A 1 71 ? 5.962   -7.865  0.173   1.00 25.35 ? 69  ASP A C   1 
ATOM   515 O O   . ASP A 1 71 ? 5.824   -7.263  -0.901  1.00 23.96 ? 69  ASP A O   1 
ATOM   516 C CB  . ASP A 1 71 ? 4.350   -8.779  1.938   1.00 21.27 ? 69  ASP A CB  1 
ATOM   517 C CG  . ASP A 1 71 ? 3.483   -9.493  0.904   1.00 25.21 ? 69  ASP A CG  1 
ATOM   518 O OD1 . ASP A 1 71 ? 2.504   -10.131 1.341   1.00 24.68 ? 69  ASP A OD1 1 
ATOM   519 O OD2 . ASP A 1 71 ? 3.762   -9.442  -0.310  1.00 26.05 ? 69  ASP A OD2 1 
ATOM   520 N N   . LYS A 1 72 ? 6.872   -8.829  0.349   1.00 23.94 ? 70  LYS A N   1 
ATOM   521 C CA  . LYS A 1 72 ? 7.859   -9.131  -0.683  1.00 26.09 ? 70  LYS A CA  1 
ATOM   522 C C   . LYS A 1 72 ? 7.214   -9.650  -1.962  1.00 29.28 ? 70  LYS A C   1 
ATOM   523 O O   . LYS A 1 72 ? 7.805   -9.530  -3.043  1.00 30.46 ? 70  LYS A O   1 
ATOM   524 C CB  . LYS A 1 72 ? 8.861   -10.154 -0.154  1.00 27.71 ? 70  LYS A CB  1 
ATOM   525 C CG  . LYS A 1 72 ? 8.215   -11.440 0.356   1.00 29.84 ? 70  LYS A CG  1 
ATOM   526 C CD  . LYS A 1 72 ? 9.301   -12.473 0.679   1.00 34.80 ? 70  LYS A CD  1 
ATOM   527 C CE  . LYS A 1 72 ? 8.947   -13.343 1.866   1.00 40.72 ? 70  LYS A CE  1 
ATOM   528 N NZ  . LYS A 1 72 ? 10.160  -14.093 2.333   1.00 47.10 ? 70  LYS A NZ  1 
ATOM   529 N N   . TYR A 1 73 ? 6.023   -10.242 -1.863  1.00 27.68 ? 71  TYR A N   1 
ATOM   530 C CA  . TYR A 1 73 ? 5.361   -10.779 -3.050  1.00 30.75 ? 71  TYR A CA  1 
ATOM   531 C C   . TYR A 1 73 ? 4.812   -9.654  -3.917  1.00 33.25 ? 71  TYR A C   1 
ATOM   532 O O   . TYR A 1 73 ? 5.033   -9.625  -5.134  1.00 31.25 ? 71  TYR A O   1 
ATOM   533 C CB  . TYR A 1 73 ? 4.255   -11.749 -2.639  1.00 30.84 ? 71  TYR A CB  1 
ATOM   534 C CG  . TYR A 1 73 ? 4.783   -12.925 -1.848  1.00 32.92 ? 71  TYR A CG  1 
ATOM   535 C CD1 . TYR A 1 73 ? 5.533   -13.914 -2.464  1.00 35.88 ? 71  TYR A CD1 1 
ATOM   536 C CD2 . TYR A 1 73 ? 4.544   -13.038 -0.481  1.00 31.96 ? 71  TYR A CD2 1 
ATOM   537 C CE1 . TYR A 1 73 ? 6.030   -14.984 -1.754  1.00 39.30 ? 71  TYR A CE1 1 
ATOM   538 C CE2 . TYR A 1 73 ? 5.038   -14.111 0.241   1.00 34.59 ? 71  TYR A CE2 1 
ATOM   539 C CZ  . TYR A 1 73 ? 5.780   -15.082 -0.404  1.00 38.40 ? 71  TYR A CZ  1 
ATOM   540 O OH  . TYR A 1 73 ? 6.276   -16.157 0.298   1.00 36.21 ? 71  TYR A OH  1 
ATOM   541 N N   . GLU A 1 74 ? 4.135   -8.697  -3.286  1.00 30.71 ? 72  GLU A N   1 
ATOM   542 C CA  . GLU A 1 74 ? 3.608   -7.537  -4.047  1.00 29.56 ? 72  GLU A CA  1 
ATOM   543 C C   . GLU A 1 74 ? 4.796   -6.724  -4.575  1.00 31.90 ? 72  GLU A C   1 
ATOM   544 O O   . GLU A 1 74 ? 4.705   -6.231  -5.702  1.00 32.56 ? 72  GLU A O   1 
ATOM   545 C CB  . GLU A 1 74 ? 2.708   -6.670  -3.167  1.00 28.32 ? 72  GLU A CB  1 
ATOM   546 C CG  . GLU A 1 74 ? 1.246   -7.061  -3.228  1.00 29.20 ? 72  GLU A CG  1 
ATOM   547 C CD  . GLU A 1 74 ? 0.940   -8.447  -2.693  1.00 32.16 ? 72  GLU A CD  1 
ATOM   548 O OE1 . GLU A 1 74 ? 0.805   -8.590  -1.478  1.00 27.52 ? 72  GLU A OE1 1 
ATOM   549 O OE2 . GLU A 1 74 ? 0.831   -9.370  -3.502  1.00 34.59 ? 72  GLU A OE2 1 
ATOM   550 N N   . ARG A 1 75 ? 5.868   -6.604  -3.788  1.00 26.43 ? 73  ARG A N   1 
ATOM   551 C CA  . ARG A 1 75 ? 7.027   -5.835  -4.231  1.00 28.08 ? 73  ARG A CA  1 
ATOM   552 C C   . ARG A 1 75 ? 7.679   -6.491  -5.434  1.00 33.80 ? 73  ARG A C   1 
ATOM   553 O O   . ARG A 1 75 ? 8.136   -5.796  -6.350  1.00 32.68 ? 73  ARG A O   1 
ATOM   554 C CB  . ARG A 1 75 ? 8.059   -5.675  -3.111  1.00 28.20 ? 73  ARG A CB  1 
ATOM   555 C CG  . ARG A 1 75 ? 7.599   -4.836  -1.921  1.00 25.33 ? 73  ARG A CG  1 
ATOM   556 C CD  . ARG A 1 75 ? 8.766   -4.328  -1.086  1.00 26.56 ? 73  ARG A CD  1 
ATOM   557 N NE  . ARG A 1 75 ? 9.649   -5.387  -0.603  1.00 27.72 ? 73  ARG A NE  1 
ATOM   558 C CZ  . ARG A 1 75 ? 9.485   -6.043  0.544   1.00 27.56 ? 73  ARG A CZ  1 
ATOM   559 N NH1 . ARG A 1 75 ? 8.456   -5.773  1.337   1.00 23.83 ? 73  ARG A NH1 1 
ATOM   560 N NH2 . ARG A 1 75 ? 10.355  -6.979  0.898   1.00 28.89 ? 73  ARG A NH2 1 
ATOM   561 N N   . ALA A 1 76 ? 7.706   -7.825  -5.437  1.00 34.42 ? 74  ALA A N   1 
ATOM   562 C CA  . ALA A 1 76 ? 8.320   -8.589  -6.548  1.00 37.07 ? 74  ALA A CA  1 
ATOM   563 C C   . ALA A 1 76 ? 7.564   -8.308  -7.850  1.00 37.36 ? 74  ALA A C   1 
ATOM   564 O O   . ALA A 1 76 ? 8.211   -8.194  -8.894  1.00 43.80 ? 74  ALA A O   1 
ATOM   565 C CB  . ALA A 1 76 ? 8.314   -10.061 -6.228  1.00 36.10 ? 74  ALA A CB  1 
ATOM   566 N N   . LYS A 1 77 ? 6.238   -8.214  -7.779  1.00 37.78 ? 75  LYS A N   1 
ATOM   567 C CA  . LYS A 1 77 ? 5.419   -7.964  -8.993  1.00 40.08 ? 75  LYS A CA  1 
ATOM   568 C C   . LYS A 1 77 ? 5.718   -6.571  -9.565  1.00 43.72 ? 75  LYS A C   1 
ATOM   569 O O   . LYS A 1 77 ? 5.703   -6.438  -10.795 1.00 42.75 ? 75  LYS A O   1 
ATOM   570 C CB  . LYS A 1 77 ? 3.930   -8.163  -8.698  1.00 40.34 ? 75  LYS A CB  1 
ATOM   571 C CG  . LYS A 1 77 ? 3.557   -9.504  -8.082  1.00 42.53 ? 75  LYS A CG  1 
ATOM   572 C CD  . LYS A 1 77 ? 3.203   -10.591 -9.079  1.00 45.60 ? 75  LYS A CD  1 
ATOM   573 C CE  . LYS A 1 77 ? 2.035   -11.451 -8.631  1.00 44.03 ? 75  LYS A CE  1 
ATOM   574 N NZ  . LYS A 1 77 ? 2.249   -12.903 -8.863  1.00 40.17 ? 75  LYS A NZ  1 
ATOM   575 N N   . LEU A 1 78 ? 5.996   -5.583  -8.711  1.00 40.26 ? 76  LEU A N   1 
ATOM   576 C CA  . LEU A 1 78 ? 6.254   -4.201  -9.190  1.00 38.68 ? 76  LEU A CA  1 
ATOM   577 C C   . LEU A 1 78 ? 7.744   -3.968  -9.428  1.00 40.89 ? 76  LEU A C   1 
ATOM   578 O O   . LEU A 1 78 ? 8.074   -2.916  -9.990  1.00 41.96 ? 76  LEU A O   1 
ATOM   579 C CB  . LEU A 1 78 ? 5.760   -3.213  -8.132  1.00 37.25 ? 76  LEU A CB  1 
ATOM   580 C CG  . LEU A 1 78 ? 4.266   -3.233  -7.834  1.00 38.64 ? 76  LEU A CG  1 
ATOM   581 C CD1 . LEU A 1 78 ? 3.924   -2.177  -6.800  1.00 37.27 ? 76  LEU A CD1 1 
ATOM   582 C CD2 . LEU A 1 78 ? 3.460   -3.007  -9.103  1.00 38.45 ? 76  LEU A CD2 1 
ATOM   583 N N   . GLY A 1 79 ? 8.608   -4.903  -9.033  1.00 40.84 ? 77  GLY A N   1 
ATOM   584 C CA  . GLY A 1 79 ? 10.027  -4.627  -9.158  1.00 37.55 ? 77  GLY A CA  1 
ATOM   585 C C   . GLY A 1 79 ? 10.479  -3.465  -8.305  1.00 41.08 ? 77  GLY A C   1 
ATOM   586 O O   . GLY A 1 79 ? 11.354  -2.695  -8.717  1.00 42.86 ? 77  GLY A O   1 
ATOM   587 N N   . VAL A 1 80 ? 9.897   -3.310  -7.122  1.00 36.01 ? 78  VAL A N   1 
ATOM   588 C CA  . VAL A 1 80 ? 10.278  -2.243  -6.212  1.00 36.43 ? 78  VAL A CA  1 
ATOM   589 C C   . VAL A 1 80 ? 10.941  -2.849  -4.988  1.00 31.56 ? 78  VAL A C   1 
ATOM   590 O O   . VAL A 1 80 ? 10.786  -4.035  -4.675  1.00 35.43 ? 78  VAL A O   1 
ATOM   591 C CB  . VAL A 1 80 ? 9.082   -1.361  -5.788  1.00 35.40 ? 78  VAL A CB  1 
ATOM   592 C CG1 . VAL A 1 80 ? 8.463   -0.693  -7.008  1.00 37.59 ? 78  VAL A CG1 1 
ATOM   593 C CG2 . VAL A 1 80 ? 8.049   -2.198  -5.024  1.00 32.99 ? 78  VAL A CG2 1 
ATOM   594 N N   . SER A 1 81 ? 11.691  -2.011  -4.289  1.00 33.23 ? 79  SER A N   1 
ATOM   595 C CA  . SER A 1 81 ? 12.312  -2.357  -3.028  1.00 35.27 ? 79  SER A CA  1 
ATOM   596 C C   . SER A 1 81 ? 11.757  -1.461  -1.932  1.00 34.35 ? 79  SER A C   1 
ATOM   597 O O   . SER A 1 81 ? 11.187  -0.397  -2.199  1.00 32.42 ? 79  SER A O   1 
ATOM   598 C CB  . SER A 1 81 ? 13.837  -2.214  -3.111  1.00 38.79 ? 79  SER A CB  1 
ATOM   599 O OG  . SER A 1 81 ? 14.345  -2.965  -4.199  1.00 40.13 ? 79  SER A OG  1 
ATOM   600 N N   . VAL A 1 82 ? 11.915  -1.914  -0.689  1.00 31.80 ? 80  VAL A N   1 
ATOM   601 C CA  . VAL A 1 82 ? 11.615  -1.068  0.456   1.00 33.03 ? 80  VAL A CA  1 
ATOM   602 C C   . VAL A 1 82 ? 12.355  0.253   0.295   1.00 36.40 ? 80  VAL A C   1 
ATOM   603 O O   . VAL A 1 82 ? 13.545  0.282   -0.044  1.00 33.85 ? 80  VAL A O   1 
ATOM   604 C CB  . VAL A 1 82 ? 12.000  -1.795  1.754   1.00 29.88 ? 80  VAL A CB  1 
ATOM   605 C CG1 . VAL A 1 82 ? 11.823  -0.884  2.951   1.00 30.75 ? 80  VAL A CG1 1 
ATOM   606 C CG2 . VAL A 1 82 ? 11.176  -3.091  1.900   1.00 31.05 ? 80  VAL A CG2 1 
ATOM   607 N N   . GLY A 1 83 ? 11.643  1.357   0.499   1.00 33.04 ? 81  GLY A N   1 
ATOM   608 C CA  . GLY A 1 83 ? 12.185  2.680   0.292   1.00 32.37 ? 81  GLY A CA  1 
ATOM   609 C C   . GLY A 1 83 ? 11.826  3.305   -1.040  1.00 31.61 ? 81  GLY A C   1 
ATOM   610 O O   . GLY A 1 83 ? 11.927  4.527   -1.179  1.00 37.63 ? 81  GLY A O   1 
ATOM   611 N N   . ASP A 1 84 ? 11.394  2.509   -2.011  1.00 30.57 ? 82  ASP A N   1 
ATOM   612 C CA  . ASP A 1 84 ? 10.923  3.054   -3.274  1.00 35.17 ? 82  ASP A CA  1 
ATOM   613 C C   . ASP A 1 84 ? 9.553   3.709   -3.102  1.00 33.83 ? 82  ASP A C   1 
ATOM   614 O O   . ASP A 1 84 ? 8.812   3.433   -2.153  1.00 30.94 ? 82  ASP A O   1 
ATOM   615 C CB  . ASP A 1 84 ? 10.826  1.965   -4.333  1.00 33.11 ? 82  ASP A CB  1 
ATOM   616 C CG  . ASP A 1 84 ? 12.177  1.404   -4.725  1.00 36.29 ? 82  ASP A CG  1 
ATOM   617 O OD1 . ASP A 1 84 ? 13.206  1.881   -4.207  1.00 41.65 ? 82  ASP A OD1 1 
ATOM   618 O OD2 . ASP A 1 84 ? 12.189  0.477   -5.554  1.00 38.03 ? 82  ASP A OD2 1 
ATOM   619 N N   . TYR A 1 85 ? 9.216   4.575   -4.050  1.00 31.63 ? 83  TYR A N   1 
ATOM   620 C CA  . TYR A 1 85 ? 7.898   5.188   -4.107  1.00 29.57 ? 83  TYR A CA  1 
ATOM   621 C C   . TYR A 1 85 ? 7.024   4.452   -5.105  1.00 29.97 ? 83  TYR A C   1 
ATOM   622 O O   . TYR A 1 85 ? 7.501   3.994   -6.149  1.00 34.22 ? 83  TYR A O   1 
ATOM   623 C CB  . TYR A 1 85 ? 7.989   6.666   -4.492  1.00 27.81 ? 83  TYR A CB  1 
ATOM   624 C CG  . TYR A 1 85 ? 8.661   7.507   -3.444  1.00 30.63 ? 83  TYR A CG  1 
ATOM   625 C CD1 . TYR A 1 85 ? 7.997   7.860   -2.278  1.00 28.24 ? 83  TYR A CD1 1 
ATOM   626 C CD2 . TYR A 1 85 ? 9.964   7.947   -3.617  1.00 32.36 ? 83  TYR A CD2 1 
ATOM   627 C CE1 . TYR A 1 85 ? 8.614   8.623   -1.312  1.00 29.63 ? 83  TYR A CE1 1 
ATOM   628 C CE2 . TYR A 1 85 ? 10.590  8.717   -2.650  1.00 35.14 ? 83  TYR A CE2 1 
ATOM   629 C CZ  . TYR A 1 85 ? 9.911   9.047   -1.508  1.00 34.13 ? 83  TYR A CZ  1 
ATOM   630 O OH  . TYR A 1 85 ? 10.531  9.807   -0.553  1.00 40.22 ? 83  TYR A OH  1 
ATOM   631 N N   . VAL A 1 86 ? 5.738   4.336   -4.773  1.00 28.25 ? 84  VAL A N   1 
ATOM   632 C CA  . VAL A 1 86 ? 4.744   3.754   -5.658  1.00 27.57 ? 84  VAL A CA  1 
ATOM   633 C C   . VAL A 1 86 ? 3.519   4.655   -5.683  1.00 29.45 ? 84  VAL A C   1 
ATOM   634 O O   . VAL A 1 86 ? 3.268   5.444   -4.767  1.00 27.95 ? 84  VAL A O   1 
ATOM   635 C CB  . VAL A 1 86 ? 4.342   2.315   -5.249  1.00 27.50 ? 84  VAL A CB  1 
ATOM   636 C CG1 . VAL A 1 86 ? 5.506   1.342   -5.441  1.00 29.26 ? 84  VAL A CG1 1 
ATOM   637 C CG2 . VAL A 1 86 ? 3.850   2.294   -3.813  1.00 24.99 ? 84  VAL A CG2 1 
ATOM   638 N N   . GLU A 1 87 ? 2.748   4.513   -6.744  1.00 26.92 ? 85  GLU A N   1 
ATOM   639 C CA  . GLU A 1 87 ? 1.500   5.227   -6.920  1.00 32.48 ? 85  GLU A CA  1 
ATOM   640 C C   . GLU A 1 87 ? 0.353   4.301   -6.548  1.00 32.86 ? 85  GLU A C   1 
ATOM   641 O O   . GLU A 1 87 ? 0.362   3.120   -6.910  1.00 32.68 ? 85  GLU A O   1 
ATOM   642 C CB  . GLU A 1 87 ? 1.370   5.702   -8.369  1.00 36.31 ? 85  GLU A CB  1 
ATOM   643 C CG  . GLU A 1 87 ? 0.370   6.801   -8.603  1.00 39.76 ? 85  GLU A CG  1 
ATOM   644 C CD  . GLU A 1 87 ? 0.391   7.261   -10.046 1.00 41.76 ? 85  GLU A CD  1 
ATOM   645 O OE1 . GLU A 1 87 ? 0.132   8.455   -10.301 1.00 41.91 ? 85  GLU A OE1 1 
ATOM   646 O OE2 . GLU A 1 87 ? 0.690   6.423   -10.920 1.00 43.86 ? 85  GLU A OE2 1 
ATOM   647 N N   . VAL A 1 88 ? -0.621  4.821   -5.808  1.00 28.86 ? 86  VAL A N   1 
ATOM   648 C CA  . VAL A 1 88 ? -1.769  4.038   -5.365  1.00 29.53 ? 86  VAL A CA  1 
ATOM   649 C C   . VAL A 1 88 ? -3.034  4.735   -5.844  1.00 33.21 ? 86  VAL A C   1 
ATOM   650 O O   . VAL A 1 88 ? -3.161  5.958   -5.711  1.00 32.11 ? 86  VAL A O   1 
ATOM   651 C CB  . VAL A 1 88 ? -1.790  3.860   -3.835  1.00 28.52 ? 86  VAL A CB  1 
ATOM   652 C CG1 . VAL A 1 88 ? -2.885  2.879   -3.425  1.00 25.89 ? 86  VAL A CG1 1 
ATOM   653 C CG2 . VAL A 1 88 ? -0.418  3.397   -3.332  1.00 29.03 ? 86  VAL A CG2 1 
ATOM   654 N N   . LYS A 1 89 ? -3.959  3.959   -6.413  1.00 31.34 ? 87  LYS A N   1 
ATOM   655 C CA  . LYS A 1 89 ? -5.185  4.495   -6.992  1.00 34.47 ? 87  LYS A CA  1 
ATOM   656 C C   . LYS A 1 89 ? -6.346  3.574   -6.648  1.00 35.60 ? 87  LYS A C   1 
ATOM   657 O O   . LYS A 1 89 ? -6.164  2.369   -6.467  1.00 34.63 ? 87  LYS A O   1 
ATOM   658 C CB  . LYS A 1 89 ? -5.071  4.638   -8.525  1.00 39.88 ? 87  LYS A CB  1 
ATOM   659 C CG  . LYS A 1 89 ? -3.644  4.853   -9.033  1.00 40.56 ? 87  LYS A CG  1 
ATOM   660 C CD  . LYS A 1 89 ? -3.526  4.668   -10.552 1.00 48.15 ? 87  LYS A CD  1 
ATOM   661 C CE  . LYS A 1 89 ? -3.962  5.911   -11.312 1.00 52.01 ? 87  LYS A CE  1 
ATOM   662 N NZ  . LYS A 1 89 ? -3.404  5.927   -12.701 1.00 58.08 ? 87  LYS A NZ  1 
ATOM   663 N N   . LYS A 1 90 ? -7.543  4.144   -6.555  1.00 38.06 ? 88  LYS A N   1 
ATOM   664 C CA  . LYS A 1 90 ? -8.721  3.300   -6.395  1.00 41.19 ? 88  LYS A CA  1 
ATOM   665 C C   . LYS A 1 90 ? -8.942  2.486   -7.668  1.00 42.16 ? 88  LYS A C   1 
ATOM   666 O O   . LYS A 1 90 ? -8.615  2.923   -8.773  1.00 46.35 ? 88  LYS A O   1 
ATOM   667 C CB  . LYS A 1 90 ? -9.957  4.140   -6.077  1.00 40.98 ? 88  LYS A CB  1 
ATOM   668 C CG  . LYS A 1 90 ? -11.192 3.307   -5.756  1.00 47.67 ? 88  LYS A CG  1 
ATOM   669 C CD  . LYS A 1 90 ? -12.373 4.165   -5.323  1.00 48.20 ? 88  LYS A CD  1 
ATOM   670 C CE  . LYS A 1 90 ? -13.552 3.298   -4.878  1.00 50.73 ? 88  LYS A CE  1 
ATOM   671 N NZ  . LYS A 1 90 ? -13.228 2.421   -3.706  1.00 47.20 ? 88  LYS A NZ  1 
ATOM   672 N N   . VAL A 1 91 ? -9.476  1.280   -7.506  1.00 42.37 ? 89  VAL A N   1 
ATOM   673 C CA  . VAL A 1 91 ? -9.674  0.410   -8.662  1.00 43.09 ? 89  VAL A CA  1 
ATOM   674 C C   . VAL A 1 91 ? -11.113 -0.088  -8.737  1.00 46.39 ? 89  VAL A C   1 
ATOM   675 O O   . VAL A 1 91 ? -11.861 0.007   -7.763  1.00 51.32 ? 89  VAL A O   1 
ATOM   676 C CB  . VAL A 1 91 ? -8.696  -0.775  -8.632  1.00 44.23 ? 89  VAL A CB  1 
ATOM   677 C CG1 . VAL A 1 91 ? -9.147  -1.784  -7.607  1.00 38.94 ? 89  VAL A CG1 1 
ATOM   678 C CG2 . VAL A 1 91 ? -8.593  -1.409  -10.007 1.00 41.84 ? 89  VAL A CG2 1 
HETATM 679 O O   . HOH B 2 .  ? 1.599   -14.231 -8.215  1.00 37.25 ? 101 HOH A O   1 
HETATM 680 O O   . HOH B 2 .  ? 12.098  -14.189 1.667   1.00 50.06 ? 102 HOH A O   1 
HETATM 681 O O   . HOH B 2 .  ? 14.437  2.090   -2.537  1.00 45.60 ? 103 HOH A O   1 
HETATM 682 O O   . HOH B 2 .  ? 4.607   5.146   17.864  1.00 44.79 ? 104 HOH A O   1 
HETATM 683 O O   . HOH B 2 .  ? 4.416   -14.364 11.671  1.00 36.41 ? 105 HOH A O   1 
HETATM 684 O O   . HOH B 2 .  ? 6.724   -1.776  -12.426 1.00 42.76 ? 106 HOH A O   1 
HETATM 685 O O   . HOH B 2 .  ? -0.838  10.950  -6.870  1.00 40.79 ? 107 HOH A O   1 
HETATM 686 O O   . HOH B 2 .  ? 11.179  5.357   -6.093  1.00 38.44 ? 108 HOH A O   1 
HETATM 687 O O   . HOH B 2 .  ? 6.766   3.945   11.498  1.00 35.39 ? 109 HOH A O   1 
HETATM 688 O O   . HOH B 2 .  ? 3.000   -16.946 12.676  1.00 57.29 ? 110 HOH A O   1 
HETATM 689 O O   . HOH B 2 .  ? 0.850   -11.046 -0.531  1.00 27.87 ? 111 HOH A O   1 
HETATM 690 O O   . HOH B 2 .  ? -2.926  -10.097 9.174   1.00 33.92 ? 112 HOH A O   1 
HETATM 691 O O   . HOH B 2 .  ? 1.409   -6.811  0.392   1.00 23.81 ? 113 HOH A O   1 
HETATM 692 O O   . HOH B 2 .  ? 1.153   5.038   7.052   1.00 34.95 ? 114 HOH A O   1 
HETATM 693 O O   . HOH B 2 .  ? 7.396   -9.226  3.100   1.00 24.93 ? 115 HOH A O   1 
HETATM 694 O O   . HOH B 2 .  ? 0.762   -7.147  15.378  0.33 25.51 ? 116 HOH A O   1 
HETATM 695 O O   . HOH B 2 .  ? 0.880   0.443   8.883   1.00 21.59 ? 117 HOH A O   1 
HETATM 696 O O   . HOH B 2 .  ? 0.668   7.732   0.513   1.00 34.43 ? 118 HOH A O   1 
HETATM 697 O O   . HOH B 2 .  ? 5.354   -12.011 -6.321  1.00 39.38 ? 119 HOH A O   1 
HETATM 698 O O   . HOH B 2 .  ? 0.015   9.591   5.712   1.00 27.64 ? 120 HOH A O   1 
HETATM 699 O O   . HOH B 2 .  ? -3.280  -9.108  -6.634  1.00 33.70 ? 121 HOH A O   1 
HETATM 700 O O   . HOH B 2 .  ? -5.081  5.537   10.026  1.00 24.95 ? 122 HOH A O   1 
HETATM 701 O O   . HOH B 2 .  ? 1.769   -14.566 7.067   1.00 35.28 ? 123 HOH A O   1 
HETATM 702 O O   . HOH B 2 .  ? -0.107  -7.728  11.444  1.00 23.24 ? 124 HOH A O   1 
HETATM 703 O O   . HOH B 2 .  ? 1.836   -5.162  6.588   1.00 20.57 ? 125 HOH A O   1 
HETATM 704 O O   . HOH B 2 .  ? 4.792   8.952   -0.007  1.00 40.23 ? 126 HOH A O   1 
HETATM 705 O O   . HOH B 2 .  ? 2.673   8.230   13.773  1.00 42.41 ? 127 HOH A O   1 
HETATM 706 O O   . HOH B 2 .  ? 7.746   -9.071  7.298   1.00 26.80 ? 128 HOH A O   1 
HETATM 707 O O   . HOH B 2 .  ? 2.311   1.039   15.686  1.00 25.47 ? 129 HOH A O   1 
HETATM 708 O O   . HOH B 2 .  ? 5.705   -14.079 7.959   1.00 32.88 ? 130 HOH A O   1 
HETATM 709 O O   . HOH B 2 .  ? -14.819 -2.154  2.454   1.00 41.37 ? 131 HOH A O   1 
HETATM 710 O O   . HOH B 2 .  ? 0.308   -8.488  2.698   1.00 24.88 ? 132 HOH A O   1 
HETATM 711 O O   . HOH B 2 .  ? -2.869  13.073  -3.977  1.00 42.77 ? 133 HOH A O   1 
HETATM 712 O O   . HOH B 2 .  ? -4.329  3.076   13.259  1.00 26.56 ? 134 HOH A O   1 
HETATM 713 O O   . HOH B 2 .  ? -6.095  -8.863  -1.987  1.00 36.14 ? 135 HOH A O   1 
HETATM 714 O O   . HOH B 2 .  ? -10.318 7.801   5.741   1.00 37.28 ? 136 HOH A O   1 
HETATM 715 O O   . HOH B 2 .  ? -2.053  -13.648 12.830  1.00 46.00 ? 137 HOH A O   1 
HETATM 716 O O   . HOH B 2 .  ? -1.853  5.260   -16.258 1.00 58.34 ? 138 HOH A O   1 
HETATM 717 O O   . HOH B 2 .  ? 0.784   2.227   6.620   1.00 24.90 ? 139 HOH A O   1 
HETATM 718 O O   . HOH B 2 .  ? 0.863   11.540  -2.114  1.00 32.73 ? 140 HOH A O   1 
HETATM 719 O O   . HOH B 2 .  ? -0.328  5.661   4.827   1.00 27.58 ? 141 HOH A O   1 
HETATM 720 O O   . HOH B 2 .  ? 12.810  -7.896  -0.317  1.00 45.06 ? 142 HOH A O   1 
HETATM 721 O O   . HOH B 2 .  ? 11.802  -5.966  -2.440  1.00 42.04 ? 143 HOH A O   1 
HETATM 722 O O   . HOH B 2 .  ? 13.483  -4.338  -0.465  1.00 40.39 ? 144 HOH A O   1 
HETATM 723 O O   . HOH B 2 .  ? 0.374   -13.279 -2.251  1.00 30.56 ? 145 HOH A O   1 
HETATM 724 O O   . HOH B 2 .  ? 0.183   -8.108  -10.941 1.00 43.90 ? 146 HOH A O   1 
HETATM 725 O O   . HOH B 2 .  ? 2.326   -8.967  12.157  1.00 20.81 ? 147 HOH A O   1 
HETATM 726 O O   . HOH B 2 .  ? -14.640 -0.621  6.072   1.00 43.07 ? 148 HOH A O   1 
HETATM 727 O O   . HOH B 2 .  ? -12.571 2.412   6.560   1.00 40.11 ? 149 HOH A O   1 
HETATM 728 O O   . HOH B 2 .  ? 10.463  2.646   3.835   1.00 34.15 ? 150 HOH A O   1 
HETATM 729 O O   . HOH B 2 .  ? 2.378   -17.183 13.578  1.00 55.80 ? 151 HOH A O   1 
HETATM 730 O O   . HOH B 2 .  ? -7.350  -3.487  8.930   1.00 30.30 ? 152 HOH A O   1 
HETATM 731 O O   . HOH B 2 .  ? -8.679  -5.251  4.693   1.00 35.12 ? 153 HOH A O   1 
HETATM 732 O O   . HOH B 2 .  ? -2.625  -7.797  -9.255  1.00 36.33 ? 154 HOH A O   1 
HETATM 733 O O   . HOH B 2 .  ? -6.735  13.196  3.704   1.00 39.59 ? 155 HOH A O   1 
HETATM 734 O O   . HOH B 2 .  ? 6.979   -0.590  12.522  1.00 34.50 ? 156 HOH A O   1 
HETATM 735 O O   . HOH B 2 .  ? -9.796  0.910   11.400  1.00 36.56 ? 157 HOH A O   1 
HETATM 736 O O   . HOH B 2 .  ? 9.959   -0.264  8.153   1.00 36.16 ? 158 HOH A O   1 
HETATM 737 O O   . HOH B 2 .  ? 1.020   -4.854  -14.720 1.00 44.55 ? 159 HOH A O   1 
HETATM 738 O O   . HOH B 2 .  ? 1.327   -5.750  3.876   1.00 25.37 ? 160 HOH A O   1 
HETATM 739 O O   . HOH B 2 .  ? -0.736  14.922  5.423   1.00 45.41 ? 161 HOH A O   1 
HETATM 740 O O   . HOH B 2 .  ? -13.151 -2.348  -3.783  1.00 40.44 ? 162 HOH A O   1 
HETATM 741 O O   . HOH B 2 .  ? -11.365 5.292   5.203   1.00 39.33 ? 163 HOH A O   1 
HETATM 742 O O   . HOH B 2 .  ? 10.567  -0.880  6.308   1.00 35.17 ? 164 HOH A O   1 
HETATM 743 O O   . HOH B 2 .  ? 4.344   -0.173  14.586  1.00 32.13 ? 165 HOH A O   1 
HETATM 744 O O   . HOH B 2 .  ? -8.463  14.556  1.577   1.00 50.63 ? 166 HOH A O   1 
HETATM 745 O O   . HOH B 2 .  ? -12.459 -0.619  -4.255  1.00 44.62 ? 167 HOH A O   1 
HETATM 746 O O   . HOH B 2 .  ? -8.388  4.860   12.552  1.00 40.46 ? 168 HOH A O   1 
HETATM 747 O O   . HOH B 2 .  ? -4.973  -13.593 0.282   1.00 45.88 ? 169 HOH A O   1 
HETATM 748 O O   . HOH B 2 .  ? 13.320  -5.847  5.903   1.00 43.12 ? 170 HOH A O   1 
HETATM 749 O O   . HOH B 2 .  ? -8.907  2.199   13.517  1.00 29.19 ? 171 HOH A O   1 
HETATM 750 O O   . HOH B 2 .  ? 10.004  0.326   10.475  1.00 46.63 ? 172 HOH A O   1 
HETATM 751 O O   . HOH B 2 .  ? -1.794  14.890  10.998  1.00 55.12 ? 173 HOH A O   1 
HETATM 752 O O   . HOH B 2 .  ? -0.239  12.661  -4.663  1.00 38.12 ? 174 HOH A O   1 
HETATM 753 O O   . HOH B 2 .  ? 1.915   -15.534 -4.081  1.00 48.03 ? 175 HOH A O   1 
HETATM 754 O O   . HOH B 2 .  ? -2.839  -11.307 11.836  1.00 38.22 ? 176 HOH A O   1 
HETATM 755 O O   . HOH B 2 .  ? 12.407  -8.308  6.722   1.00 27.84 ? 177 HOH A O   1 
HETATM 756 O O   . HOH B 2 .  ? 7.468   11.764  6.062   1.00 49.31 ? 178 HOH A O   1 
HETATM 757 O O   . HOH B 2 .  ? 5.620   6.773   -8.369  1.00 45.74 ? 179 HOH A O   1 
HETATM 758 O O   . HOH B 2 .  ? -1.607  -9.552  12.918  1.00 36.32 ? 180 HOH A O   1 
HETATM 759 O O   . HOH B 2 .  ? -10.303 -0.928  10.856  1.00 41.49 ? 181 HOH A O   1 
HETATM 760 O O   . HOH B 2 .  ? -0.165  13.308  11.280  1.00 53.86 ? 182 HOH A O   1 
HETATM 761 O O   . HOH B 2 .  ? 5.024   -17.897 10.862  1.00 48.46 ? 183 HOH A O   1 
HETATM 762 O O   . HOH B 2 .  ? 4.583   -2.639  16.328  0.33 29.16 ? 184 HOH A O   1 
HETATM 763 O O   . HOH B 2 .  ? 10.949  4.880   -12.756 1.00 56.33 ? 185 HOH A O   1 
# 
loop_
_pdbx_poly_seq_scheme.asym_id 
_pdbx_poly_seq_scheme.entity_id 
_pdbx_poly_seq_scheme.seq_id 
_pdbx_poly_seq_scheme.mon_id 
_pdbx_poly_seq_scheme.ndb_seq_num 
_pdbx_poly_seq_scheme.pdb_seq_num 
_pdbx_poly_seq_scheme.auth_seq_num 
_pdbx_poly_seq_scheme.pdb_mon_id 
_pdbx_poly_seq_scheme.auth_mon_id 
_pdbx_poly_seq_scheme.pdb_strand_id 
_pdbx_poly_seq_scheme.pdb_ins_code 
_pdbx_poly_seq_scheme.hetero 
A 1 1  GLY 1  -1 ?  ?   ?   A . n 
A 1 2  PRO 2  0  ?  ?   ?   A . n 
A 1 3  MET 3  1  ?  ?   ?   A . n 
A 1 4  PRO 4  2  ?  ?   ?   A . n 
A 1 5  GLY 5  3  ?  ?   ?   A . n 
A 1 6  LYS 6  4  4  LYS LYS A . n 
A 1 7  SER 7  5  5  SER SER A . n 
A 1 8  VAL 8  6  6  VAL VAL A . n 
A 1 9  VAL 9  7  7  VAL VAL A . n 
A 1 10 ALA 10 8  8  ALA ALA A . n 
A 1 11 ARG 11 9  9  ARG ARG A . n 
A 1 12 VAL 12 10 10 VAL VAL A . n 
A 1 13 ALA 13 11 11 ALA ALA A . n 
A 1 14 GLU 14 12 12 GLU GLU A . n 
A 1 15 ALA 15 13 13 ALA ALA A . n 
A 1 16 TYR 16 14 14 TYR TYR A . n 
A 1 17 PRO 17 15 15 PRO PRO A . n 
A 1 18 GLU 18 16 16 GLU GLU A . n 
A 1 19 ASP 19 17 17 ASP ASP A . n 
A 1 20 VAL 20 18 18 VAL VAL A . n 
A 1 21 GLY 21 19 19 GLY GLY A . n 
A 1 22 LYS 22 20 20 LYS LYS A . n 
A 1 23 ARG 23 21 21 ARG ARG A . n 
A 1 24 ILE 24 22 22 ILE ILE A . n 
A 1 25 VAL 25 23 23 VAL VAL A . n 
A 1 26 ARG 26 24 24 ARG ARG A . n 
A 1 27 MET 27 25 25 MET MET A . n 
A 1 28 ASP 28 26 26 ASP ASP A . n 
A 1 29 LYS 29 27 27 LYS LYS A . n 
A 1 30 TYR 30 28 28 TYR TYR A . n 
A 1 31 GLU 31 29 29 GLU GLU A . n 
A 1 32 ARG 32 30 30 ARG ARG A . n 
A 1 33 ALA 33 31 31 ALA ALA A . n 
A 1 34 LYS 34 32 32 LYS LYS A . n 
A 1 35 LEU 35 33 33 LEU LEU A . n 
A 1 36 GLY 36 34 34 GLY GLY A . n 
A 1 37 VAL 37 35 35 VAL VAL A . n 
A 1 38 SER 38 36 36 SER SER A . n 
A 1 39 VAL 39 37 37 VAL VAL A . n 
A 1 40 GLY 40 38 38 GLY GLY A . n 
A 1 41 ASP 41 39 39 ASP ASP A . n 
A 1 42 TYR 42 40 40 TYR TYR A . n 
A 1 43 VAL 43 41 41 VAL VAL A . n 
A 1 44 GLU 44 42 42 GLU GLU A . n 
A 1 45 VAL 45 43 43 VAL VAL A . n 
A 1 46 LYS 46 44 44 LYS LYS A . n 
A 1 47 LYS 47 45 45 LYS LYS A . n 
A 1 48 VAL 48 46 46 VAL VAL A . n 
A 1 49 LYS 49 47 47 LYS LYS A . n 
A 1 50 SER 50 48 48 SER SER A . n 
A 1 51 VAL 51 49 49 VAL VAL A . n 
A 1 52 VAL 52 50 50 VAL VAL A . n 
A 1 53 ALA 53 51 51 ALA ALA A . n 
A 1 54 ARG 54 52 52 ARG ARG A . n 
A 1 55 VAL 55 53 53 VAL VAL A . n 
A 1 56 ALA 56 54 54 ALA ALA A . n 
A 1 57 GLU 57 55 55 GLU GLU A . n 
A 1 58 ALA 58 56 56 ALA ALA A . n 
A 1 59 TYR 59 57 57 TYR TYR A . n 
A 1 60 PRO 60 58 58 PRO PRO A . n 
A 1 61 GLU 61 59 59 GLU GLU A . n 
A 1 62 ASP 62 60 60 ASP ASP A . n 
A 1 63 VAL 63 61 61 VAL VAL A . n 
A 1 64 GLY 64 62 62 GLY GLY A . n 
A 1 65 LYS 65 63 63 LYS LYS A . n 
A 1 66 ARG 66 64 64 ARG ARG A . n 
A 1 67 ILE 67 65 65 ILE ILE A . n 
A 1 68 VAL 68 66 66 VAL VAL A . n 
A 1 69 ARG 69 67 67 ARG ARG A . n 
A 1 70 MET 70 68 68 MET MET A . n 
A 1 71 ASP 71 69 69 ASP ASP A . n 
A 1 72 LYS 72 70 70 LYS LYS A . n 
A 1 73 TYR 73 71 71 TYR TYR A . n 
A 1 74 GLU 74 72 72 GLU GLU A . n 
A 1 75 ARG 75 73 73 ARG ARG A . n 
A 1 76 ALA 76 74 74 ALA ALA A . n 
A 1 77 LYS 77 75 75 LYS LYS A . n 
A 1 78 LEU 78 76 76 LEU LEU A . n 
A 1 79 GLY 79 77 77 GLY GLY A . n 
A 1 80 VAL 80 78 78 VAL VAL A . n 
A 1 81 SER 81 79 79 SER SER A . n 
A 1 82 VAL 82 80 80 VAL VAL A . n 
A 1 83 GLY 83 81 81 GLY GLY A . n 
A 1 84 ASP 84 82 82 ASP ASP A . n 
A 1 85 TYR 85 83 83 TYR TYR A . n 
A 1 86 VAL 86 84 84 VAL VAL A . n 
A 1 87 GLU 87 85 85 GLU GLU A . n 
A 1 88 VAL 88 86 86 VAL VAL A . n 
A 1 89 LYS 89 87 87 LYS LYS A . n 
A 1 90 LYS 90 88 88 LYS LYS A . n 
A 1 91 VAL 91 89 89 VAL VAL A . n 
# 
loop_
_pdbx_nonpoly_scheme.asym_id 
_pdbx_nonpoly_scheme.entity_id 
_pdbx_nonpoly_scheme.mon_id 
_pdbx_nonpoly_scheme.ndb_seq_num 
_pdbx_nonpoly_scheme.pdb_seq_num 
_pdbx_nonpoly_scheme.auth_seq_num 
_pdbx_nonpoly_scheme.pdb_mon_id 
_pdbx_nonpoly_scheme.auth_mon_id 
_pdbx_nonpoly_scheme.pdb_strand_id 
_pdbx_nonpoly_scheme.pdb_ins_code 
B 2 HOH 1  101 82 HOH HOH A . 
B 2 HOH 2  102 65 HOH HOH A . 
B 2 HOH 3  103 79 HOH HOH A . 
B 2 HOH 4  104 61 HOH HOH A . 
B 2 HOH 5  105 25 HOH HOH A . 
B 2 HOH 6  106 35 HOH HOH A . 
B 2 HOH 7  107 45 HOH HOH A . 
B 2 HOH 8  108 30 HOH HOH A . 
B 2 HOH 9  109 71 HOH HOH A . 
B 2 HOH 10 110 75 HOH HOH A . 
B 2 HOH 11 111 8  HOH HOH A . 
B 2 HOH 12 112 22 HOH HOH A . 
B 2 HOH 13 113 7  HOH HOH A . 
B 2 HOH 14 114 24 HOH HOH A . 
B 2 HOH 15 115 6  HOH HOH A . 
B 2 HOH 16 116 1  HOH HOH A . 
B 2 HOH 17 117 5  HOH HOH A . 
B 2 HOH 18 118 38 HOH HOH A . 
B 2 HOH 19 119 49 HOH HOH A . 
B 2 HOH 20 120 17 HOH HOH A . 
B 2 HOH 21 121 27 HOH HOH A . 
B 2 HOH 22 122 2  HOH HOH A . 
B 2 HOH 23 123 26 HOH HOH A . 
B 2 HOH 24 124 9  HOH HOH A . 
B 2 HOH 25 125 4  HOH HOH A . 
B 2 HOH 26 126 81 HOH HOH A . 
B 2 HOH 27 127 39 HOH HOH A . 
B 2 HOH 28 128 14 HOH HOH A . 
B 2 HOH 29 129 52 HOH HOH A . 
B 2 HOH 30 130 28 HOH HOH A . 
B 2 HOH 31 131 36 HOH HOH A . 
B 2 HOH 32 132 12 HOH HOH A . 
B 2 HOH 33 133 57 HOH HOH A . 
B 2 HOH 34 134 19 HOH HOH A . 
B 2 HOH 35 135 41 HOH HOH A . 
B 2 HOH 36 136 37 HOH HOH A . 
B 2 HOH 37 137 78 HOH HOH A . 
B 2 HOH 38 138 51 HOH HOH A . 
B 2 HOH 39 139 10 HOH HOH A . 
B 2 HOH 40 140 16 HOH HOH A . 
B 2 HOH 41 141 18 HOH HOH A . 
B 2 HOH 42 142 59 HOH HOH A . 
B 2 HOH 43 143 23 HOH HOH A . 
B 2 HOH 44 144 29 HOH HOH A . 
B 2 HOH 45 145 15 HOH HOH A . 
B 2 HOH 46 146 60 HOH HOH A . 
B 2 HOH 47 147 3  HOH HOH A . 
B 2 HOH 48 148 64 HOH HOH A . 
B 2 HOH 49 149 47 HOH HOH A . 
B 2 HOH 50 150 21 HOH HOH A . 
B 2 HOH 51 151 74 HOH HOH A . 
B 2 HOH 52 152 20 HOH HOH A . 
B 2 HOH 53 153 53 HOH HOH A . 
B 2 HOH 54 154 50 HOH HOH A . 
B 2 HOH 55 155 32 HOH HOH A . 
B 2 HOH 56 156 55 HOH HOH A . 
B 2 HOH 57 157 33 HOH HOH A . 
B 2 HOH 58 158 56 HOH HOH A . 
B 2 HOH 59 159 63 HOH HOH A . 
B 2 HOH 60 160 13 HOH HOH A . 
B 2 HOH 61 161 84 HOH HOH A . 
B 2 HOH 62 162 73 HOH HOH A . 
B 2 HOH 63 163 43 HOH HOH A . 
B 2 HOH 64 164 54 HOH HOH A . 
B 2 HOH 65 165 69 HOH HOH A . 
B 2 HOH 66 166 80 HOH HOH A . 
B 2 HOH 67 167 77 HOH HOH A . 
B 2 HOH 68 168 46 HOH HOH A . 
B 2 HOH 69 169 62 HOH HOH A . 
B 2 HOH 70 170 48 HOH HOH A . 
B 2 HOH 71 171 31 HOH HOH A . 
B 2 HOH 72 172 58 HOH HOH A . 
B 2 HOH 73 173 66 HOH HOH A . 
B 2 HOH 74 174 40 HOH HOH A . 
B 2 HOH 75 175 72 HOH HOH A . 
B 2 HOH 76 176 42 HOH HOH A . 
B 2 HOH 77 177 11 HOH HOH A . 
B 2 HOH 78 178 76 HOH HOH A . 
B 2 HOH 79 179 83 HOH HOH A . 
B 2 HOH 80 180 34 HOH HOH A . 
B 2 HOH 81 181 68 HOH HOH A . 
B 2 HOH 82 182 67 HOH HOH A . 
B 2 HOH 83 183 44 HOH HOH A . 
B 2 HOH 84 184 70 HOH HOH A . 
B 2 HOH 85 185 85 HOH HOH A . 
# 
_pdbx_struct_assembly.id                   1 
_pdbx_struct_assembly.details              author_defined_assembly 
_pdbx_struct_assembly.method_details       ? 
_pdbx_struct_assembly.oligomeric_details   monomeric 
_pdbx_struct_assembly.oligomeric_count     1 
# 
_pdbx_struct_assembly_gen.assembly_id       1 
_pdbx_struct_assembly_gen.oper_expression   1 
_pdbx_struct_assembly_gen.asym_id_list      A,B 
# 
loop_
_pdbx_struct_assembly_prop.biol_id 
_pdbx_struct_assembly_prop.type 
_pdbx_struct_assembly_prop.value 
_pdbx_struct_assembly_prop.details 
1 'ABSA (A^2)' 0    ? 
1 MORE         0    ? 
1 'SSA (A^2)'  4970 ? 
# 
_pdbx_struct_oper_list.id                   1 
_pdbx_struct_oper_list.type                 'identity operation' 
_pdbx_struct_oper_list.name                 1_555 
_pdbx_struct_oper_list.symmetry_operation   x,y,z 
_pdbx_struct_oper_list.matrix[1][1]         1.0000000000 
_pdbx_struct_oper_list.matrix[1][2]         0.0000000000 
_pdbx_struct_oper_list.matrix[1][3]         0.0000000000 
_pdbx_struct_oper_list.vector[1]            0.0000000000 
_pdbx_struct_oper_list.matrix[2][1]         0.0000000000 
_pdbx_struct_oper_list.matrix[2][2]         1.0000000000 
_pdbx_struct_oper_list.matrix[2][3]         0.0000000000 
_pdbx_struct_oper_list.vector[2]            0.0000000000 
_pdbx_struct_oper_list.matrix[3][1]         0.0000000000 
_pdbx_struct_oper_list.matrix[3][2]         0.0000000000 
_pdbx_struct_oper_list.matrix[3][3]         1.0000000000 
_pdbx_struct_oper_list.vector[3]            0.0000000000 
# 
loop_
_pdbx_struct_special_symmetry.id 
_pdbx_struct_special_symmetry.PDB_model_num 
_pdbx_struct_special_symmetry.auth_asym_id 
_pdbx_struct_special_symmetry.auth_comp_id 
_pdbx_struct_special_symmetry.auth_seq_id 
_pdbx_struct_special_symmetry.PDB_ins_code 
_pdbx_struct_special_symmetry.label_asym_id 
_pdbx_struct_special_symmetry.label_comp_id 
_pdbx_struct_special_symmetry.label_seq_id 
1 1 A HOH 116 ? B HOH . 
2 1 A HOH 184 ? B HOH . 
# 
loop_
_pdbx_audit_revision_history.ordinal 
_pdbx_audit_revision_history.data_content_type 
_pdbx_audit_revision_history.major_revision 
_pdbx_audit_revision_history.minor_revision 
_pdbx_audit_revision_history.revision_date 
1 'Structure model' 1 0 2021-09-29 
2 'Structure model' 1 1 2021-11-17 
3 'Structure model' 1 2 2023-11-29 
# 
_pdbx_audit_revision_details.ordinal             1 
_pdbx_audit_revision_details.revision_ordinal    1 
_pdbx_audit_revision_details.data_content_type   'Structure model' 
_pdbx_audit_revision_details.provider            repository 
_pdbx_audit_revision_details.type                'Initial release' 
_pdbx_audit_revision_details.description         ? 
_pdbx_audit_revision_details.details             ? 
# 
loop_
_pdbx_audit_revision_group.ordinal 
_pdbx_audit_revision_group.revision_ordinal 
_pdbx_audit_revision_group.data_content_type 
_pdbx_audit_revision_group.group 
1 2 'Structure model' 'Database references'    
2 3 'Structure model' 'Data collection'        
3 3 'Structure model' 'Refinement description' 
# 
loop_
_pdbx_audit_revision_category.ordinal 
_pdbx_audit_revision_category.revision_ordinal 
_pdbx_audit_revision_category.data_content_type 
_pdbx_audit_revision_category.category 
1 2 'Structure model' citation                      
2 2 'Structure model' citation_author               
3 3 'Structure model' chem_comp_atom                
4 3 'Structure model' chem_comp_bond                
5 3 'Structure model' pdbx_initial_refinement_model 
# 
loop_
_pdbx_audit_revision_item.ordinal 
_pdbx_audit_revision_item.revision_ordinal 
_pdbx_audit_revision_item.data_content_type 
_pdbx_audit_revision_item.item 
1  2 'Structure model' '_citation.journal_abbrev'          
2  2 'Structure model' '_citation.journal_id_ASTM'         
3  2 'Structure model' '_citation.journal_id_ISSN'         
4  2 'Structure model' '_citation.journal_volume'          
5  2 'Structure model' '_citation.page_first'              
6  2 'Structure model' '_citation.page_last'               
7  2 'Structure model' '_citation.pdbx_database_id_DOI'    
8  2 'Structure model' '_citation.pdbx_database_id_PubMed' 
9  2 'Structure model' '_citation.title'                   
10 2 'Structure model' '_citation_author.identifier_ORCID' 
# 
loop_
_software.citation_id 
_software.classification 
_software.compiler_name 
_software.compiler_version 
_software.contact_author 
_software.contact_author_email 
_software.date 
_software.description 
_software.dependencies 
_software.hardware 
_software.language 
_software.location 
_software.mods 
_software.name 
_software.os 
_software.os_version 
_software.type 
_software.version 
_software.pdbx_ordinal 
? refinement        ? ? ? ? ? ? ? ? ? ? ? PHENIX      ? ? ? 1.14_3260 1 
? 'data extraction' ? ? ? ? ? ? ? ? ? ? ? PDB_EXTRACT ? ? ? 3.27      2 
? 'data reduction'  ? ? ? ? ? ? ? ? ? ? ? XDS         ? ? ? .         3 
? 'data scaling'    ? ? ? ? ? ? ? ? ? ? ? XDS         ? ? ? .         4 
? phasing           ? ? ? ? ? ? ? ? ? ? ? PHASER      ? ? ? .         5 
# 
loop_
_pdbx_validate_close_contact.id 
_pdbx_validate_close_contact.PDB_model_num 
_pdbx_validate_close_contact.auth_atom_id_1 
_pdbx_validate_close_contact.auth_asym_id_1 
_pdbx_validate_close_contact.auth_comp_id_1 
_pdbx_validate_close_contact.auth_seq_id_1 
_pdbx_validate_close_contact.PDB_ins_code_1 
_pdbx_validate_close_contact.label_alt_id_1 
_pdbx_validate_close_contact.auth_atom_id_2 
_pdbx_validate_close_contact.auth_asym_id_2 
_pdbx_validate_close_contact.auth_comp_id_2 
_pdbx_validate_close_contact.auth_seq_id_2 
_pdbx_validate_close_contact.PDB_ins_code_2 
_pdbx_validate_close_contact.label_alt_id_2 
_pdbx_validate_close_contact.dist 
1 1 O   A HOH 110 ? ? O A HOH 151 ? ? 1.12 
2 1 NZ  A LYS 75  ? ? O A HOH 101 ? ? 1.61 
3 1 O   A HOH 162 ? ? O A HOH 167 ? ? 1.92 
4 1 O   A HOH 157 ? ? O A HOH 181 ? ? 1.98 
5 1 O   A HOH 158 ? ? O A HOH 164 ? ? 2.04 
6 1 NZ  A LYS 70  ? ? O A HOH 102 ? ? 2.05 
7 1 OD1 A ASP 82  ? ? O A HOH 103 ? ? 2.08 
8 1 OE2 A GLU 59  ? ? O A HOH 104 ? ? 2.12 
9 1 OE2 A GLU 16  ? ? O A HOH 105 ? ? 2.13 
# 
_pdbx_validate_symm_contact.id                1 
_pdbx_validate_symm_contact.PDB_model_num     1 
_pdbx_validate_symm_contact.auth_atom_id_1    O 
_pdbx_validate_symm_contact.auth_asym_id_1    A 
_pdbx_validate_symm_contact.auth_comp_id_1    HOH 
_pdbx_validate_symm_contact.auth_seq_id_1     135 
_pdbx_validate_symm_contact.PDB_ins_code_1    ? 
_pdbx_validate_symm_contact.label_alt_id_1    ? 
_pdbx_validate_symm_contact.site_symmetry_1   1_555 
_pdbx_validate_symm_contact.auth_atom_id_2    O 
_pdbx_validate_symm_contact.auth_asym_id_2    A 
_pdbx_validate_symm_contact.auth_comp_id_2    HOH 
_pdbx_validate_symm_contact.auth_seq_id_2     174 
_pdbx_validate_symm_contact.PDB_ins_code_2    ? 
_pdbx_validate_symm_contact.label_alt_id_2    ? 
_pdbx_validate_symm_contact.site_symmetry_2   6_555 
_pdbx_validate_symm_contact.dist              2.15 
# 
_pdbx_validate_torsion.id              1 
_pdbx_validate_torsion.PDB_model_num   1 
_pdbx_validate_torsion.auth_comp_id    LYS 
_pdbx_validate_torsion.auth_asym_id    A 
_pdbx_validate_torsion.auth_seq_id     45 
_pdbx_validate_torsion.PDB_ins_code    ? 
_pdbx_validate_torsion.label_alt_id    ? 
_pdbx_validate_torsion.phi             -115.99 
_pdbx_validate_torsion.psi             -80.19 
# 
loop_
_pdbx_unobs_or_zero_occ_residues.id 
_pdbx_unobs_or_zero_occ_residues.PDB_model_num 
_pdbx_unobs_or_zero_occ_residues.polymer_flag 
_pdbx_unobs_or_zero_occ_residues.occupancy_flag 
_pdbx_unobs_or_zero_occ_residues.auth_asym_id 
_pdbx_unobs_or_zero_occ_residues.auth_comp_id 
_pdbx_unobs_or_zero_occ_residues.auth_seq_id 
_pdbx_unobs_or_zero_occ_residues.PDB_ins_code 
_pdbx_unobs_or_zero_occ_residues.label_asym_id 
_pdbx_unobs_or_zero_occ_residues.label_comp_id 
_pdbx_unobs_or_zero_occ_residues.label_seq_id 
1 1 Y 1 A GLY -1 ? A GLY 1 
2 1 Y 1 A PRO 0  ? A PRO 2 
3 1 Y 1 A MET 1  ? A MET 3 
4 1 Y 1 A PRO 2  ? A PRO 4 
5 1 Y 1 A GLY 3  ? A GLY 5 
# 
loop_
_chem_comp_atom.comp_id 
_chem_comp_atom.atom_id 
_chem_comp_atom.type_symbol 
_chem_comp_atom.pdbx_aromatic_flag 
_chem_comp_atom.pdbx_stereo_config 
_chem_comp_atom.pdbx_ordinal 
ALA N    N N N 1   
ALA CA   C N S 2   
ALA C    C N N 3   
ALA O    O N N 4   
ALA CB   C N N 5   
ALA OXT  O N N 6   
ALA H    H N N 7   
ALA H2   H N N 8   
ALA HA   H N N 9   
ALA HB1  H N N 10  
ALA HB2  H N N 11  
ALA HB3  H N N 12  
ALA HXT  H N N 13  
ARG N    N N N 14  
ARG CA   C N S 15  
ARG C    C N N 16  
ARG O    O N N 17  
ARG CB   C N N 18  
ARG CG   C N N 19  
ARG CD   C N N 20  
ARG NE   N N N 21  
ARG CZ   C N N 22  
ARG NH1  N N N 23  
ARG NH2  N N N 24  
ARG OXT  O N N 25  
ARG H    H N N 26  
ARG H2   H N N 27  
ARG HA   H N N 28  
ARG HB2  H N N 29  
ARG HB3  H N N 30  
ARG HG2  H N N 31  
ARG HG3  H N N 32  
ARG HD2  H N N 33  
ARG HD3  H N N 34  
ARG HE   H N N 35  
ARG HH11 H N N 36  
ARG HH12 H N N 37  
ARG HH21 H N N 38  
ARG HH22 H N N 39  
ARG HXT  H N N 40  
ASP N    N N N 41  
ASP CA   C N S 42  
ASP C    C N N 43  
ASP O    O N N 44  
ASP CB   C N N 45  
ASP CG   C N N 46  
ASP OD1  O N N 47  
ASP OD2  O N N 48  
ASP OXT  O N N 49  
ASP H    H N N 50  
ASP H2   H N N 51  
ASP HA   H N N 52  
ASP HB2  H N N 53  
ASP HB3  H N N 54  
ASP HD2  H N N 55  
ASP HXT  H N N 56  
GLU N    N N N 57  
GLU CA   C N S 58  
GLU C    C N N 59  
GLU O    O N N 60  
GLU CB   C N N 61  
GLU CG   C N N 62  
GLU CD   C N N 63  
GLU OE1  O N N 64  
GLU OE2  O N N 65  
GLU OXT  O N N 66  
GLU H    H N N 67  
GLU H2   H N N 68  
GLU HA   H N N 69  
GLU HB2  H N N 70  
GLU HB3  H N N 71  
GLU HG2  H N N 72  
GLU HG3  H N N 73  
GLU HE2  H N N 74  
GLU HXT  H N N 75  
GLY N    N N N 76  
GLY CA   C N N 77  
GLY C    C N N 78  
GLY O    O N N 79  
GLY OXT  O N N 80  
GLY H    H N N 81  
GLY H2   H N N 82  
GLY HA2  H N N 83  
GLY HA3  H N N 84  
GLY HXT  H N N 85  
HOH O    O N N 86  
HOH H1   H N N 87  
HOH H2   H N N 88  
ILE N    N N N 89  
ILE CA   C N S 90  
ILE C    C N N 91  
ILE O    O N N 92  
ILE CB   C N S 93  
ILE CG1  C N N 94  
ILE CG2  C N N 95  
ILE CD1  C N N 96  
ILE OXT  O N N 97  
ILE H    H N N 98  
ILE H2   H N N 99  
ILE HA   H N N 100 
ILE HB   H N N 101 
ILE HG12 H N N 102 
ILE HG13 H N N 103 
ILE HG21 H N N 104 
ILE HG22 H N N 105 
ILE HG23 H N N 106 
ILE HD11 H N N 107 
ILE HD12 H N N 108 
ILE HD13 H N N 109 
ILE HXT  H N N 110 
LEU N    N N N 111 
LEU CA   C N S 112 
LEU C    C N N 113 
LEU O    O N N 114 
LEU CB   C N N 115 
LEU CG   C N N 116 
LEU CD1  C N N 117 
LEU CD2  C N N 118 
LEU OXT  O N N 119 
LEU H    H N N 120 
LEU H2   H N N 121 
LEU HA   H N N 122 
LEU HB2  H N N 123 
LEU HB3  H N N 124 
LEU HG   H N N 125 
LEU HD11 H N N 126 
LEU HD12 H N N 127 
LEU HD13 H N N 128 
LEU HD21 H N N 129 
LEU HD22 H N N 130 
LEU HD23 H N N 131 
LEU HXT  H N N 132 
LYS N    N N N 133 
LYS CA   C N S 134 
LYS C    C N N 135 
LYS O    O N N 136 
LYS CB   C N N 137 
LYS CG   C N N 138 
LYS CD   C N N 139 
LYS CE   C N N 140 
LYS NZ   N N N 141 
LYS OXT  O N N 142 
LYS H    H N N 143 
LYS H2   H N N 144 
LYS HA   H N N 145 
LYS HB2  H N N 146 
LYS HB3  H N N 147 
LYS HG2  H N N 148 
LYS HG3  H N N 149 
LYS HD2  H N N 150 
LYS HD3  H N N 151 
LYS HE2  H N N 152 
LYS HE3  H N N 153 
LYS HZ1  H N N 154 
LYS HZ2  H N N 155 
LYS HZ3  H N N 156 
LYS HXT  H N N 157 
MET N    N N N 158 
MET CA   C N S 159 
MET C    C N N 160 
MET O    O N N 161 
MET CB   C N N 162 
MET CG   C N N 163 
MET SD   S N N 164 
MET CE   C N N 165 
MET OXT  O N N 166 
MET H    H N N 167 
MET H2   H N N 168 
MET HA   H N N 169 
MET HB2  H N N 170 
MET HB3  H N N 171 
MET HG2  H N N 172 
MET HG3  H N N 173 
MET HE1  H N N 174 
MET HE2  H N N 175 
MET HE3  H N N 176 
MET HXT  H N N 177 
PRO N    N N N 178 
PRO CA   C N S 179 
PRO C    C N N 180 
PRO O    O N N 181 
PRO CB   C N N 182 
PRO CG   C N N 183 
PRO CD   C N N 184 
PRO OXT  O N N 185 
PRO H    H N N 186 
PRO HA   H N N 187 
PRO HB2  H N N 188 
PRO HB3  H N N 189 
PRO HG2  H N N 190 
PRO HG3  H N N 191 
PRO HD2  H N N 192 
PRO HD3  H N N 193 
PRO HXT  H N N 194 
SER N    N N N 195 
SER CA   C N S 196 
SER C    C N N 197 
SER O    O N N 198 
SER CB   C N N 199 
SER OG   O N N 200 
SER OXT  O N N 201 
SER H    H N N 202 
SER H2   H N N 203 
SER HA   H N N 204 
SER HB2  H N N 205 
SER HB3  H N N 206 
SER HG   H N N 207 
SER HXT  H N N 208 
TYR N    N N N 209 
TYR CA   C N S 210 
TYR C    C N N 211 
TYR O    O N N 212 
TYR CB   C N N 213 
TYR CG   C Y N 214 
TYR CD1  C Y N 215 
TYR CD2  C Y N 216 
TYR CE1  C Y N 217 
TYR CE2  C Y N 218 
TYR CZ   C Y N 219 
TYR OH   O N N 220 
TYR OXT  O N N 221 
TYR H    H N N 222 
TYR H2   H N N 223 
TYR HA   H N N 224 
TYR HB2  H N N 225 
TYR HB3  H N N 226 
TYR HD1  H N N 227 
TYR HD2  H N N 228 
TYR HE1  H N N 229 
TYR HE2  H N N 230 
TYR HH   H N N 231 
TYR HXT  H N N 232 
VAL N    N N N 233 
VAL CA   C N S 234 
VAL C    C N N 235 
VAL O    O N N 236 
VAL CB   C N N 237 
VAL CG1  C N N 238 
VAL CG2  C N N 239 
VAL OXT  O N N 240 
VAL H    H N N 241 
VAL H2   H N N 242 
VAL HA   H N N 243 
VAL HB   H N N 244 
VAL HG11 H N N 245 
VAL HG12 H N N 246 
VAL HG13 H N N 247 
VAL HG21 H N N 248 
VAL HG22 H N N 249 
VAL HG23 H N N 250 
VAL HXT  H N N 251 
# 
loop_
_chem_comp_bond.comp_id 
_chem_comp_bond.atom_id_1 
_chem_comp_bond.atom_id_2 
_chem_comp_bond.value_order 
_chem_comp_bond.pdbx_aromatic_flag 
_chem_comp_bond.pdbx_stereo_config 
_chem_comp_bond.pdbx_ordinal 
ALA N   CA   sing N N 1   
ALA N   H    sing N N 2   
ALA N   H2   sing N N 3   
ALA CA  C    sing N N 4   
ALA CA  CB   sing N N 5   
ALA CA  HA   sing N N 6   
ALA C   O    doub N N 7   
ALA C   OXT  sing N N 8   
ALA CB  HB1  sing N N 9   
ALA CB  HB2  sing N N 10  
ALA CB  HB3  sing N N 11  
ALA OXT HXT  sing N N 12  
ARG N   CA   sing N N 13  
ARG N   H    sing N N 14  
ARG N   H2   sing N N 15  
ARG CA  C    sing N N 16  
ARG CA  CB   sing N N 17  
ARG CA  HA   sing N N 18  
ARG C   O    doub N N 19  
ARG C   OXT  sing N N 20  
ARG CB  CG   sing N N 21  
ARG CB  HB2  sing N N 22  
ARG CB  HB3  sing N N 23  
ARG CG  CD   sing N N 24  
ARG CG  HG2  sing N N 25  
ARG CG  HG3  sing N N 26  
ARG CD  NE   sing N N 27  
ARG CD  HD2  sing N N 28  
ARG CD  HD3  sing N N 29  
ARG NE  CZ   sing N N 30  
ARG NE  HE   sing N N 31  
ARG CZ  NH1  sing N N 32  
ARG CZ  NH2  doub N N 33  
ARG NH1 HH11 sing N N 34  
ARG NH1 HH12 sing N N 35  
ARG NH2 HH21 sing N N 36  
ARG NH2 HH22 sing N N 37  
ARG OXT HXT  sing N N 38  
ASP N   CA   sing N N 39  
ASP N   H    sing N N 40  
ASP N   H2   sing N N 41  
ASP CA  C    sing N N 42  
ASP CA  CB   sing N N 43  
ASP CA  HA   sing N N 44  
ASP C   O    doub N N 45  
ASP C   OXT  sing N N 46  
ASP CB  CG   sing N N 47  
ASP CB  HB2  sing N N 48  
ASP CB  HB3  sing N N 49  
ASP CG  OD1  doub N N 50  
ASP CG  OD2  sing N N 51  
ASP OD2 HD2  sing N N 52  
ASP OXT HXT  sing N N 53  
GLU N   CA   sing N N 54  
GLU N   H    sing N N 55  
GLU N   H2   sing N N 56  
GLU CA  C    sing N N 57  
GLU CA  CB   sing N N 58  
GLU CA  HA   sing N N 59  
GLU C   O    doub N N 60  
GLU C   OXT  sing N N 61  
GLU CB  CG   sing N N 62  
GLU CB  HB2  sing N N 63  
GLU CB  HB3  sing N N 64  
GLU CG  CD   sing N N 65  
GLU CG  HG2  sing N N 66  
GLU CG  HG3  sing N N 67  
GLU CD  OE1  doub N N 68  
GLU CD  OE2  sing N N 69  
GLU OE2 HE2  sing N N 70  
GLU OXT HXT  sing N N 71  
GLY N   CA   sing N N 72  
GLY N   H    sing N N 73  
GLY N   H2   sing N N 74  
GLY CA  C    sing N N 75  
GLY CA  HA2  sing N N 76  
GLY CA  HA3  sing N N 77  
GLY C   O    doub N N 78  
GLY C   OXT  sing N N 79  
GLY OXT HXT  sing N N 80  
HOH O   H1   sing N N 81  
HOH O   H2   sing N N 82  
ILE N   CA   sing N N 83  
ILE N   H    sing N N 84  
ILE N   H2   sing N N 85  
ILE CA  C    sing N N 86  
ILE CA  CB   sing N N 87  
ILE CA  HA   sing N N 88  
ILE C   O    doub N N 89  
ILE C   OXT  sing N N 90  
ILE CB  CG1  sing N N 91  
ILE CB  CG2  sing N N 92  
ILE CB  HB   sing N N 93  
ILE CG1 CD1  sing N N 94  
ILE CG1 HG12 sing N N 95  
ILE CG1 HG13 sing N N 96  
ILE CG2 HG21 sing N N 97  
ILE CG2 HG22 sing N N 98  
ILE CG2 HG23 sing N N 99  
ILE CD1 HD11 sing N N 100 
ILE CD1 HD12 sing N N 101 
ILE CD1 HD13 sing N N 102 
ILE OXT HXT  sing N N 103 
LEU N   CA   sing N N 104 
LEU N   H    sing N N 105 
LEU N   H2   sing N N 106 
LEU CA  C    sing N N 107 
LEU CA  CB   sing N N 108 
LEU CA  HA   sing N N 109 
LEU C   O    doub N N 110 
LEU C   OXT  sing N N 111 
LEU CB  CG   sing N N 112 
LEU CB  HB2  sing N N 113 
LEU CB  HB3  sing N N 114 
LEU CG  CD1  sing N N 115 
LEU CG  CD2  sing N N 116 
LEU CG  HG   sing N N 117 
LEU CD1 HD11 sing N N 118 
LEU CD1 HD12 sing N N 119 
LEU CD1 HD13 sing N N 120 
LEU CD2 HD21 sing N N 121 
LEU CD2 HD22 sing N N 122 
LEU CD2 HD23 sing N N 123 
LEU OXT HXT  sing N N 124 
LYS N   CA   sing N N 125 
LYS N   H    sing N N 126 
LYS N   H2   sing N N 127 
LYS CA  C    sing N N 128 
LYS CA  CB   sing N N 129 
LYS CA  HA   sing N N 130 
LYS C   O    doub N N 131 
LYS C   OXT  sing N N 132 
LYS CB  CG   sing N N 133 
LYS CB  HB2  sing N N 134 
LYS CB  HB3  sing N N 135 
LYS CG  CD   sing N N 136 
LYS CG  HG2  sing N N 137 
LYS CG  HG3  sing N N 138 
LYS CD  CE   sing N N 139 
LYS CD  HD2  sing N N 140 
LYS CD  HD3  sing N N 141 
LYS CE  NZ   sing N N 142 
LYS CE  HE2  sing N N 143 
LYS CE  HE3  sing N N 144 
LYS NZ  HZ1  sing N N 145 
LYS NZ  HZ2  sing N N 146 
LYS NZ  HZ3  sing N N 147 
LYS OXT HXT  sing N N 148 
MET N   CA   sing N N 149 
MET N   H    sing N N 150 
MET N   H2   sing N N 151 
MET CA  C    sing N N 152 
MET CA  CB   sing N N 153 
MET CA  HA   sing N N 154 
MET C   O    doub N N 155 
MET C   OXT  sing N N 156 
MET CB  CG   sing N N 157 
MET CB  HB2  sing N N 158 
MET CB  HB3  sing N N 159 
MET CG  SD   sing N N 160 
MET CG  HG2  sing N N 161 
MET CG  HG3  sing N N 162 
MET SD  CE   sing N N 163 
MET CE  HE1  sing N N 164 
MET CE  HE2  sing N N 165 
MET CE  HE3  sing N N 166 
MET OXT HXT  sing N N 167 
PRO N   CA   sing N N 168 
PRO N   CD   sing N N 169 
PRO N   H    sing N N 170 
PRO CA  C    sing N N 171 
PRO CA  CB   sing N N 172 
PRO CA  HA   sing N N 173 
PRO C   O    doub N N 174 
PRO C   OXT  sing N N 175 
PRO CB  CG   sing N N 176 
PRO CB  HB2  sing N N 177 
PRO CB  HB3  sing N N 178 
PRO CG  CD   sing N N 179 
PRO CG  HG2  sing N N 180 
PRO CG  HG3  sing N N 181 
PRO CD  HD2  sing N N 182 
PRO CD  HD3  sing N N 183 
PRO OXT HXT  sing N N 184 
SER N   CA   sing N N 185 
SER N   H    sing N N 186 
SER N   H2   sing N N 187 
SER CA  C    sing N N 188 
SER CA  CB   sing N N 189 
SER CA  HA   sing N N 190 
SER C   O    doub N N 191 
SER C   OXT  sing N N 192 
SER CB  OG   sing N N 193 
SER CB  HB2  sing N N 194 
SER CB  HB3  sing N N 195 
SER OG  HG   sing N N 196 
SER OXT HXT  sing N N 197 
TYR N   CA   sing N N 198 
TYR N   H    sing N N 199 
TYR N   H2   sing N N 200 
TYR CA  C    sing N N 201 
TYR CA  CB   sing N N 202 
TYR CA  HA   sing N N 203 
TYR C   O    doub N N 204 
TYR C   OXT  sing N N 205 
TYR CB  CG   sing N N 206 
TYR CB  HB2  sing N N 207 
TYR CB  HB3  sing N N 208 
TYR CG  CD1  doub Y N 209 
TYR CG  CD2  sing Y N 210 
TYR CD1 CE1  sing Y N 211 
TYR CD1 HD1  sing N N 212 
TYR CD2 CE2  doub Y N 213 
TYR CD2 HD2  sing N N 214 
TYR CE1 CZ   doub Y N 215 
TYR CE1 HE1  sing N N 216 
TYR CE2 CZ   sing Y N 217 
TYR CE2 HE2  sing N N 218 
TYR CZ  OH   sing N N 219 
TYR OH  HH   sing N N 220 
TYR OXT HXT  sing N N 221 
VAL N   CA   sing N N 222 
VAL N   H    sing N N 223 
VAL N   H2   sing N N 224 
VAL CA  C    sing N N 225 
VAL CA  CB   sing N N 226 
VAL CA  HA   sing N N 227 
VAL C   O    doub N N 228 
VAL C   OXT  sing N N 229 
VAL CB  CG1  sing N N 230 
VAL CB  CG2  sing N N 231 
VAL CB  HB   sing N N 232 
VAL CG1 HG11 sing N N 233 
VAL CG1 HG12 sing N N 234 
VAL CG1 HG13 sing N N 235 
VAL CG2 HG21 sing N N 236 
VAL CG2 HG22 sing N N 237 
VAL CG2 HG23 sing N N 238 
VAL OXT HXT  sing N N 239 
# 
_pdbx_audit_support.funding_organization   'Japan Society for the Promotion of Science (JSPS)' 
_pdbx_audit_support.country                Japan 
_pdbx_audit_support.grant_number           18H01328 
_pdbx_audit_support.ordinal                1 
# 
_pdbx_entity_nonpoly.entity_id   2 
_pdbx_entity_nonpoly.name        water 
_pdbx_entity_nonpoly.comp_id     HOH 
# 
_pdbx_initial_refinement_model.id               1 
_pdbx_initial_refinement_model.entity_id_list   ? 
_pdbx_initial_refinement_model.type             'experimental model' 
_pdbx_initial_refinement_model.source_name      PDB 
_pdbx_initial_refinement_model.accession_code   7DG7 
_pdbx_initial_refinement_model.details          ? 
# 
_pdbx_struct_assembly_auth_evidence.id                     1 
_pdbx_struct_assembly_auth_evidence.assembly_id            1 
_pdbx_struct_assembly_auth_evidence.experimental_support   'gel filtration' 
_pdbx_struct_assembly_auth_evidence.details                ? 
# 
